data_1A1Q
# 
_entry.id   1A1Q 
# 
_audit_conform.dict_name       mmcif_pdbx.dic 
_audit_conform.dict_version    5.385 
_audit_conform.dict_location   http://mmcif.pdb.org/dictionaries/ascii/mmcif_pdbx.dic 
# 
loop_
_database_2.database_id 
_database_2.database_code 
_database_2.pdbx_database_accession 
_database_2.pdbx_DOI 
PDB   1A1Q         pdb_00001a1q 10.2210/pdb1a1q/pdb 
WWPDB D_1000170284 ?            ?                   
# 
loop_
_pdbx_audit_revision_history.ordinal 
_pdbx_audit_revision_history.data_content_type 
_pdbx_audit_revision_history.major_revision 
_pdbx_audit_revision_history.minor_revision 
_pdbx_audit_revision_history.revision_date 
1 'Structure model' 1 0 1998-03-25 
2 'Structure model' 1 1 2008-03-24 
3 'Structure model' 1 2 2011-07-13 
4 'Structure model' 1 3 2024-02-07 
# 
_pdbx_audit_revision_details.ordinal             1 
_pdbx_audit_revision_details.revision_ordinal    1 
_pdbx_audit_revision_details.data_content_type   'Structure model' 
_pdbx_audit_revision_details.provider            repository 
_pdbx_audit_revision_details.type                'Initial release' 
_pdbx_audit_revision_details.description         ? 
_pdbx_audit_revision_details.details             ? 
# 
loop_
_pdbx_audit_revision_group.ordinal 
_pdbx_audit_revision_group.revision_ordinal 
_pdbx_audit_revision_group.data_content_type 
_pdbx_audit_revision_group.group 
1 2 'Structure model' 'Version format compliance' 
2 3 'Structure model' 'Version format compliance' 
3 4 'Structure model' 'Data collection'           
4 4 'Structure model' 'Database references'       
5 4 'Structure model' 'Derived calculations'      
# 
loop_
_pdbx_audit_revision_category.ordinal 
_pdbx_audit_revision_category.revision_ordinal 
_pdbx_audit_revision_category.data_content_type 
_pdbx_audit_revision_category.category 
1 4 'Structure model' chem_comp_atom     
2 4 'Structure model' chem_comp_bond     
3 4 'Structure model' database_2         
4 4 'Structure model' struct_ref_seq_dif 
5 4 'Structure model' struct_site        
# 
loop_
_pdbx_audit_revision_item.ordinal 
_pdbx_audit_revision_item.revision_ordinal 
_pdbx_audit_revision_item.data_content_type 
_pdbx_audit_revision_item.item 
1 4 'Structure model' '_database_2.pdbx_DOI'                
2 4 'Structure model' '_database_2.pdbx_database_accession' 
3 4 'Structure model' '_struct_ref_seq_dif.details'         
4 4 'Structure model' '_struct_site.pdbx_auth_asym_id'      
5 4 'Structure model' '_struct_site.pdbx_auth_comp_id'      
6 4 'Structure model' '_struct_site.pdbx_auth_seq_id'       
# 
_pdbx_database_status.status_code                     REL 
_pdbx_database_status.entry_id                        1A1Q 
_pdbx_database_status.recvd_initial_deposition_date   1997-12-12 
_pdbx_database_status.deposit_site                    ? 
_pdbx_database_status.process_site                    BNL 
_pdbx_database_status.SG_entry                        . 
_pdbx_database_status.pdb_format_compatible           Y 
_pdbx_database_status.status_code_mr                  ? 
_pdbx_database_status.status_code_sf                  ? 
_pdbx_database_status.status_code_cs                  ? 
_pdbx_database_status.status_code_nmr_data            ? 
_pdbx_database_status.methods_development_category    ? 
# 
loop_
_audit_author.name 
_audit_author.pdbx_ordinal 
'Love, R.A.'       1 
'Parge, H.E.'      2 
'Wickersham, J.A.' 3 
'Hostomsky, Z.'    4 
'Habuka, N.'       5 
'Moomaw, E.W.'     6 
'Adachi, T.'       7 
'Hostomska, Z.'    8 
# 
_citation.id                        primary 
_citation.title                     
'The crystal structure of hepatitis C virus NS3 proteinase reveals a trypsin-like fold and a structural zinc binding site.' 
_citation.journal_abbrev            'Cell(Cambridge,Mass.)' 
_citation.journal_volume            87 
_citation.page_first                331 
_citation.page_last                 342 
_citation.year                      1996 
_citation.journal_id_ASTM           CELLB5 
_citation.country                   US 
_citation.journal_id_ISSN           0092-8674 
_citation.journal_id_CSD            0998 
_citation.book_publisher            ? 
_citation.pdbx_database_id_PubMed   8861916 
_citation.pdbx_database_id_DOI      '10.1016/S0092-8674(00)81350-1' 
# 
loop_
_citation_author.citation_id 
_citation_author.name 
_citation_author.ordinal 
_citation_author.identifier_ORCID 
primary 'Love, R.A.'       1 ? 
primary 'Parge, H.E.'      2 ? 
primary 'Wickersham, J.A.' 3 ? 
primary 'Hostomsky, Z.'    4 ? 
primary 'Habuka, N.'       5 ? 
primary 'Moomaw, E.W.'     6 ? 
primary 'Adachi, T.'       7 ? 
primary 'Hostomska, Z.'    8 ? 
# 
loop_
_entity.id 
_entity.type 
_entity.src_method 
_entity.pdbx_description 
_entity.formula_weight 
_entity.pdbx_number_of_molecules 
_entity.pdbx_ec 
_entity.pdbx_mutation 
_entity.pdbx_fragment 
_entity.details 
1 polymer     man 'NS3 PROTEINASE' 19894.604 3 ? ? ? ? 
2 non-polymer syn 'ZINC ION'       65.409    3 ? ? ? ? 
# 
_entity_poly.entity_id                      1 
_entity_poly.type                           'polypeptide(L)' 
_entity_poly.nstd_linkage                   no 
_entity_poly.nstd_monomer                   no 
_entity_poly.pdbx_seq_one_letter_code       
;APITAYSQQTRGLLGCIITSLTGRDKNQVEGEVQVVSTATQSFLATCVNGVCWTVYHGAGSKTLAGPKGPITQMYTNVDQ
DLVGWQAPPGARSLTPCTCGSSDLYLVTRHADVIPVRRRGDSRGSLLSPRPVSYLKGSSGGPLLCPSGHAVGIFRAAVCT
RGVAKAVDFVPVESMETTMRSPVFTDNSS
;
_entity_poly.pdbx_seq_one_letter_code_can   
;APITAYSQQTRGLLGCIITSLTGRDKNQVEGEVQVVSTATQSFLATCVNGVCWTVYHGAGSKTLAGPKGPITQMYTNVDQ
DLVGWQAPPGARSLTPCTCGSSDLYLVTRHADVIPVRRRGDSRGSLLSPRPVSYLKGSSGGPLLCPSGHAVGIFRAAVCT
RGVAKAVDFVPVESMETTMRSPVFTDNSS
;
_entity_poly.pdbx_strand_id                 A,B,C 
_entity_poly.pdbx_target_identifier         ? 
# 
_pdbx_entity_nonpoly.entity_id   2 
_pdbx_entity_nonpoly.name        'ZINC ION' 
_pdbx_entity_nonpoly.comp_id     ZN 
# 
loop_
_entity_poly_seq.entity_id 
_entity_poly_seq.num 
_entity_poly_seq.mon_id 
_entity_poly_seq.hetero 
1 1   ALA n 
1 2   PRO n 
1 3   ILE n 
1 4   THR n 
1 5   ALA n 
1 6   TYR n 
1 7   SER n 
1 8   GLN n 
1 9   GLN n 
1 10  THR n 
1 11  ARG n 
1 12  GLY n 
1 13  LEU n 
1 14  LEU n 
1 15  GLY n 
1 16  CYS n 
1 17  ILE n 
1 18  ILE n 
1 19  THR n 
1 20  SER n 
1 21  LEU n 
1 22  THR n 
1 23  GLY n 
1 24  ARG n 
1 25  ASP n 
1 26  LYS n 
1 27  ASN n 
1 28  GLN n 
1 29  VAL n 
1 30  GLU n 
1 31  GLY n 
1 32  GLU n 
1 33  VAL n 
1 34  GLN n 
1 35  VAL n 
1 36  VAL n 
1 37  SER n 
1 38  THR n 
1 39  ALA n 
1 40  THR n 
1 41  GLN n 
1 42  SER n 
1 43  PHE n 
1 44  LEU n 
1 45  ALA n 
1 46  THR n 
1 47  CYS n 
1 48  VAL n 
1 49  ASN n 
1 50  GLY n 
1 51  VAL n 
1 52  CYS n 
1 53  TRP n 
1 54  THR n 
1 55  VAL n 
1 56  TYR n 
1 57  HIS n 
1 58  GLY n 
1 59  ALA n 
1 60  GLY n 
1 61  SER n 
1 62  LYS n 
1 63  THR n 
1 64  LEU n 
1 65  ALA n 
1 66  GLY n 
1 67  PRO n 
1 68  LYS n 
1 69  GLY n 
1 70  PRO n 
1 71  ILE n 
1 72  THR n 
1 73  GLN n 
1 74  MET n 
1 75  TYR n 
1 76  THR n 
1 77  ASN n 
1 78  VAL n 
1 79  ASP n 
1 80  GLN n 
1 81  ASP n 
1 82  LEU n 
1 83  VAL n 
1 84  GLY n 
1 85  TRP n 
1 86  GLN n 
1 87  ALA n 
1 88  PRO n 
1 89  PRO n 
1 90  GLY n 
1 91  ALA n 
1 92  ARG n 
1 93  SER n 
1 94  LEU n 
1 95  THR n 
1 96  PRO n 
1 97  CYS n 
1 98  THR n 
1 99  CYS n 
1 100 GLY n 
1 101 SER n 
1 102 SER n 
1 103 ASP n 
1 104 LEU n 
1 105 TYR n 
1 106 LEU n 
1 107 VAL n 
1 108 THR n 
1 109 ARG n 
1 110 HIS n 
1 111 ALA n 
1 112 ASP n 
1 113 VAL n 
1 114 ILE n 
1 115 PRO n 
1 116 VAL n 
1 117 ARG n 
1 118 ARG n 
1 119 ARG n 
1 120 GLY n 
1 121 ASP n 
1 122 SER n 
1 123 ARG n 
1 124 GLY n 
1 125 SER n 
1 126 LEU n 
1 127 LEU n 
1 128 SER n 
1 129 PRO n 
1 130 ARG n 
1 131 PRO n 
1 132 VAL n 
1 133 SER n 
1 134 TYR n 
1 135 LEU n 
1 136 LYS n 
1 137 GLY n 
1 138 SER n 
1 139 SER n 
1 140 GLY n 
1 141 GLY n 
1 142 PRO n 
1 143 LEU n 
1 144 LEU n 
1 145 CYS n 
1 146 PRO n 
1 147 SER n 
1 148 GLY n 
1 149 HIS n 
1 150 ALA n 
1 151 VAL n 
1 152 GLY n 
1 153 ILE n 
1 154 PHE n 
1 155 ARG n 
1 156 ALA n 
1 157 ALA n 
1 158 VAL n 
1 159 CYS n 
1 160 THR n 
1 161 ARG n 
1 162 GLY n 
1 163 VAL n 
1 164 ALA n 
1 165 LYS n 
1 166 ALA n 
1 167 VAL n 
1 168 ASP n 
1 169 PHE n 
1 170 VAL n 
1 171 PRO n 
1 172 VAL n 
1 173 GLU n 
1 174 SER n 
1 175 MET n 
1 176 GLU n 
1 177 THR n 
1 178 THR n 
1 179 MET n 
1 180 ARG n 
1 181 SER n 
1 182 PRO n 
1 183 VAL n 
1 184 PHE n 
1 185 THR n 
1 186 ASP n 
1 187 ASN n 
1 188 SER n 
1 189 SER n 
# 
_entity_src_gen.entity_id                          1 
_entity_src_gen.pdbx_src_id                        1 
_entity_src_gen.pdbx_alt_source_flag               sample 
_entity_src_gen.pdbx_seq_type                      ? 
_entity_src_gen.pdbx_beg_seq_num                   ? 
_entity_src_gen.pdbx_end_seq_num                   ? 
_entity_src_gen.gene_src_common_name               ? 
_entity_src_gen.gene_src_genus                     Hepacivirus 
_entity_src_gen.pdbx_gene_src_gene                 CDNA 
_entity_src_gen.gene_src_species                   ? 
_entity_src_gen.gene_src_strain                    'TYPE 1B' 
_entity_src_gen.gene_src_tissue                    ? 
_entity_src_gen.gene_src_tissue_fraction           ? 
_entity_src_gen.gene_src_details                   ? 
_entity_src_gen.pdbx_gene_src_fragment             ? 
_entity_src_gen.pdbx_gene_src_scientific_name      'Hepatitis C virus' 
_entity_src_gen.pdbx_gene_src_ncbi_taxonomy_id     11103 
_entity_src_gen.pdbx_gene_src_variant              'BK ISOLATE' 
_entity_src_gen.pdbx_gene_src_cell_line            ? 
_entity_src_gen.pdbx_gene_src_atcc                 ? 
_entity_src_gen.pdbx_gene_src_organ                ? 
_entity_src_gen.pdbx_gene_src_organelle            ? 
_entity_src_gen.pdbx_gene_src_cell                 ? 
_entity_src_gen.pdbx_gene_src_cellular_location    ? 
_entity_src_gen.host_org_common_name               ? 
_entity_src_gen.pdbx_host_org_scientific_name      'Escherichia coli' 
_entity_src_gen.pdbx_host_org_ncbi_taxonomy_id     562 
_entity_src_gen.host_org_genus                     Escherichia 
_entity_src_gen.pdbx_host_org_gene                 'CDNA DERIVED FROM' 
_entity_src_gen.pdbx_host_org_organ                ? 
_entity_src_gen.host_org_species                   ? 
_entity_src_gen.pdbx_host_org_tissue               ? 
_entity_src_gen.pdbx_host_org_tissue_fraction      ? 
_entity_src_gen.pdbx_host_org_strain               ? 
_entity_src_gen.pdbx_host_org_variant              ? 
_entity_src_gen.pdbx_host_org_cell_line            ? 
_entity_src_gen.pdbx_host_org_atcc                 ? 
_entity_src_gen.pdbx_host_org_culture_collection   ? 
_entity_src_gen.pdbx_host_org_cell                 ? 
_entity_src_gen.pdbx_host_org_organelle            ? 
_entity_src_gen.pdbx_host_org_cellular_location    ? 
_entity_src_gen.pdbx_host_org_vector_type          ? 
_entity_src_gen.pdbx_host_org_vector               ? 
_entity_src_gen.host_org_details                   ? 
_entity_src_gen.expression_system_id               ? 
_entity_src_gen.plasmid_name                       'CDNA DERIVED FROM VIRAL RNA ISOLATED FROM PAT' 
_entity_src_gen.plasmid_details                    ? 
_entity_src_gen.pdbx_description                   'EXPRESSED AS SOLUBLE PROTEIN' 
# 
loop_
_chem_comp.id 
_chem_comp.type 
_chem_comp.mon_nstd_flag 
_chem_comp.name 
_chem_comp.pdbx_synonyms 
_chem_comp.formula 
_chem_comp.formula_weight 
ALA 'L-peptide linking' y ALANINE         ? 'C3 H7 N O2'     89.093  
ARG 'L-peptide linking' y ARGININE        ? 'C6 H15 N4 O2 1' 175.209 
ASN 'L-peptide linking' y ASPARAGINE      ? 'C4 H8 N2 O3'    132.118 
ASP 'L-peptide linking' y 'ASPARTIC ACID' ? 'C4 H7 N O4'     133.103 
CYS 'L-peptide linking' y CYSTEINE        ? 'C3 H7 N O2 S'   121.158 
GLN 'L-peptide linking' y GLUTAMINE       ? 'C5 H10 N2 O3'   146.144 
GLU 'L-peptide linking' y 'GLUTAMIC ACID' ? 'C5 H9 N O4'     147.129 
GLY 'peptide linking'   y GLYCINE         ? 'C2 H5 N O2'     75.067  
HIS 'L-peptide linking' y HISTIDINE       ? 'C6 H10 N3 O2 1' 156.162 
ILE 'L-peptide linking' y ISOLEUCINE      ? 'C6 H13 N O2'    131.173 
LEU 'L-peptide linking' y LEUCINE         ? 'C6 H13 N O2'    131.173 
LYS 'L-peptide linking' y LYSINE          ? 'C6 H15 N2 O2 1' 147.195 
MET 'L-peptide linking' y METHIONINE      ? 'C5 H11 N O2 S'  149.211 
PHE 'L-peptide linking' y PHENYLALANINE   ? 'C9 H11 N O2'    165.189 
PRO 'L-peptide linking' y PROLINE         ? 'C5 H9 N O2'     115.130 
SER 'L-peptide linking' y SERINE          ? 'C3 H7 N O3'     105.093 
THR 'L-peptide linking' y THREONINE       ? 'C4 H9 N O3'     119.119 
TRP 'L-peptide linking' y TRYPTOPHAN      ? 'C11 H12 N2 O2'  204.225 
TYR 'L-peptide linking' y TYROSINE        ? 'C9 H11 N O3'    181.189 
VAL 'L-peptide linking' y VALINE          ? 'C5 H11 N O2'    117.146 
ZN  non-polymer         . 'ZINC ION'      ? 'Zn 2'           65.409  
# 
loop_
_pdbx_poly_seq_scheme.asym_id 
_pdbx_poly_seq_scheme.entity_id 
_pdbx_poly_seq_scheme.seq_id 
_pdbx_poly_seq_scheme.mon_id 
_pdbx_poly_seq_scheme.ndb_seq_num 
_pdbx_poly_seq_scheme.pdb_seq_num 
_pdbx_poly_seq_scheme.auth_seq_num 
_pdbx_poly_seq_scheme.pdb_mon_id 
_pdbx_poly_seq_scheme.auth_mon_id 
_pdbx_poly_seq_scheme.pdb_strand_id 
_pdbx_poly_seq_scheme.pdb_ins_code 
_pdbx_poly_seq_scheme.hetero 
A 1 1   ALA 1   1   ?   ?   ?   A . n 
A 1 2   PRO 2   2   2   PRO PRO A . n 
A 1 3   ILE 3   3   3   ILE ILE A . n 
A 1 4   THR 4   4   4   THR THR A . n 
A 1 5   ALA 5   5   5   ALA ALA A . n 
A 1 6   TYR 6   6   6   TYR TYR A . n 
A 1 7   SER 7   7   7   SER SER A . n 
A 1 8   GLN 8   8   8   GLN GLN A . n 
A 1 9   GLN 9   9   9   GLN GLN A . n 
A 1 10  THR 10  10  10  THR THR A . n 
A 1 11  ARG 11  11  11  ARG ARG A . n 
A 1 12  GLY 12  12  12  GLY GLY A . n 
A 1 13  LEU 13  13  13  LEU LEU A . n 
A 1 14  LEU 14  14  14  LEU LEU A . n 
A 1 15  GLY 15  15  15  GLY GLY A . n 
A 1 16  CYS 16  16  16  CYS CYS A . n 
A 1 17  ILE 17  17  17  ILE ILE A . n 
A 1 18  ILE 18  18  18  ILE ILE A . n 
A 1 19  THR 19  19  19  THR THR A . n 
A 1 20  SER 20  20  20  SER SER A . n 
A 1 21  LEU 21  21  21  LEU LEU A . n 
A 1 22  THR 22  22  22  THR THR A . n 
A 1 23  GLY 23  23  23  GLY GLY A . n 
A 1 24  ARG 24  24  24  ARG ARG A . n 
A 1 25  ASP 25  25  25  ASP ASP A . n 
A 1 26  LYS 26  26  26  LYS LYS A . n 
A 1 27  ASN 27  27  27  ASN ASN A . n 
A 1 28  GLN 28  28  28  GLN GLN A . n 
A 1 29  VAL 29  29  29  VAL VAL A . n 
A 1 30  GLU 30  30  30  GLU GLU A . n 
A 1 31  GLY 31  31  31  GLY GLY A . n 
A 1 32  GLU 32  32  32  GLU GLU A . n 
A 1 33  VAL 33  33  33  VAL VAL A . n 
A 1 34  GLN 34  34  34  GLN GLN A . n 
A 1 35  VAL 35  35  35  VAL VAL A . n 
A 1 36  VAL 36  36  36  VAL VAL A . n 
A 1 37  SER 37  37  37  SER SER A . n 
A 1 38  THR 38  38  38  THR THR A . n 
A 1 39  ALA 39  39  39  ALA ALA A . n 
A 1 40  THR 40  40  40  THR THR A . n 
A 1 41  GLN 41  41  41  GLN GLN A . n 
A 1 42  SER 42  42  42  SER SER A . n 
A 1 43  PHE 43  43  43  PHE PHE A . n 
A 1 44  LEU 44  44  44  LEU LEU A . n 
A 1 45  ALA 45  45  45  ALA ALA A . n 
A 1 46  THR 46  46  46  THR THR A . n 
A 1 47  CYS 47  47  47  CYS CYS A . n 
A 1 48  VAL 48  48  48  VAL VAL A . n 
A 1 49  ASN 49  49  49  ASN ASN A . n 
A 1 50  GLY 50  50  50  GLY GLY A . n 
A 1 51  VAL 51  51  51  VAL VAL A . n 
A 1 52  CYS 52  52  52  CYS CYS A . n 
A 1 53  TRP 53  53  53  TRP TRP A . n 
A 1 54  THR 54  54  54  THR THR A . n 
A 1 55  VAL 55  55  55  VAL VAL A . n 
A 1 56  TYR 56  56  56  TYR TYR A . n 
A 1 57  HIS 57  57  57  HIS HIS A . n 
A 1 58  GLY 58  58  58  GLY GLY A . n 
A 1 59  ALA 59  59  59  ALA ALA A . n 
A 1 60  GLY 60  60  60  GLY GLY A . n 
A 1 61  SER 61  61  61  SER SER A . n 
A 1 62  LYS 62  62  62  LYS LYS A . n 
A 1 63  THR 63  63  63  THR THR A . n 
A 1 64  LEU 64  64  64  LEU LEU A . n 
A 1 65  ALA 65  65  65  ALA ALA A . n 
A 1 66  GLY 66  66  66  GLY GLY A . n 
A 1 67  PRO 67  67  67  PRO PRO A . n 
A 1 68  LYS 68  68  68  LYS LYS A . n 
A 1 69  GLY 69  69  69  GLY GLY A . n 
A 1 70  PRO 70  70  70  PRO PRO A . n 
A 1 71  ILE 71  71  71  ILE ILE A . n 
A 1 72  THR 72  72  72  THR THR A . n 
A 1 73  GLN 73  73  73  GLN GLN A . n 
A 1 74  MET 74  74  74  MET MET A . n 
A 1 75  TYR 75  75  75  TYR TYR A . n 
A 1 76  THR 76  76  76  THR THR A . n 
A 1 77  ASN 77  77  77  ASN ASN A . n 
A 1 78  VAL 78  78  78  VAL VAL A . n 
A 1 79  ASP 79  79  79  ASP ASP A . n 
A 1 80  GLN 80  80  80  GLN GLN A . n 
A 1 81  ASP 81  81  81  ASP ASP A . n 
A 1 82  LEU 82  82  82  LEU LEU A . n 
A 1 83  VAL 83  83  83  VAL VAL A . n 
A 1 84  GLY 84  84  84  GLY GLY A . n 
A 1 85  TRP 85  85  85  TRP TRP A . n 
A 1 86  GLN 86  86  86  GLN GLN A . n 
A 1 87  ALA 87  87  87  ALA ALA A . n 
A 1 88  PRO 88  88  88  PRO PRO A . n 
A 1 89  PRO 89  89  89  PRO PRO A . n 
A 1 90  GLY 90  90  90  GLY GLY A . n 
A 1 91  ALA 91  91  91  ALA ALA A . n 
A 1 92  ARG 92  92  92  ARG ARG A . n 
A 1 93  SER 93  93  93  SER SER A . n 
A 1 94  LEU 94  94  94  LEU LEU A . n 
A 1 95  THR 95  95  95  THR THR A . n 
A 1 96  PRO 96  96  96  PRO PRO A . n 
A 1 97  CYS 97  97  97  CYS CYS A . n 
A 1 98  THR 98  98  98  THR THR A . n 
A 1 99  CYS 99  99  99  CYS CYS A . n 
A 1 100 GLY 100 100 100 GLY GLY A . n 
A 1 101 SER 101 101 101 SER SER A . n 
A 1 102 SER 102 102 102 SER SER A . n 
A 1 103 ASP 103 103 103 ASP ASP A . n 
A 1 104 LEU 104 104 104 LEU LEU A . n 
A 1 105 TYR 105 105 105 TYR TYR A . n 
A 1 106 LEU 106 106 106 LEU LEU A . n 
A 1 107 VAL 107 107 107 VAL VAL A . n 
A 1 108 THR 108 108 108 THR THR A . n 
A 1 109 ARG 109 109 109 ARG ARG A . n 
A 1 110 HIS 110 110 110 HIS HIS A . n 
A 1 111 ALA 111 111 111 ALA ALA A . n 
A 1 112 ASP 112 112 112 ASP ASP A . n 
A 1 113 VAL 113 113 113 VAL VAL A . n 
A 1 114 ILE 114 114 114 ILE ILE A . n 
A 1 115 PRO 115 115 115 PRO PRO A . n 
A 1 116 VAL 116 116 116 VAL VAL A . n 
A 1 117 ARG 117 117 117 ARG ARG A . n 
A 1 118 ARG 118 118 118 ARG ARG A . n 
A 1 119 ARG 119 119 119 ARG ARG A . n 
A 1 120 GLY 120 120 120 GLY GLY A . n 
A 1 121 ASP 121 121 121 ASP ASP A . n 
A 1 122 SER 122 122 122 SER SER A . n 
A 1 123 ARG 123 123 123 ARG ARG A . n 
A 1 124 GLY 124 124 124 GLY GLY A . n 
A 1 125 SER 125 125 125 SER SER A . n 
A 1 126 LEU 126 126 126 LEU LEU A . n 
A 1 127 LEU 127 127 127 LEU LEU A . n 
A 1 128 SER 128 128 128 SER SER A . n 
A 1 129 PRO 129 129 129 PRO PRO A . n 
A 1 130 ARG 130 130 130 ARG ARG A . n 
A 1 131 PRO 131 131 131 PRO PRO A . n 
A 1 132 VAL 132 132 132 VAL VAL A . n 
A 1 133 SER 133 133 133 SER SER A . n 
A 1 134 TYR 134 134 134 TYR TYR A . n 
A 1 135 LEU 135 135 135 LEU LEU A . n 
A 1 136 LYS 136 136 136 LYS LYS A . n 
A 1 137 GLY 137 137 137 GLY GLY A . n 
A 1 138 SER 138 138 138 SER SER A . n 
A 1 139 SER 139 139 139 SER SER A . n 
A 1 140 GLY 140 140 140 GLY GLY A . n 
A 1 141 GLY 141 141 141 GLY GLY A . n 
A 1 142 PRO 142 142 142 PRO PRO A . n 
A 1 143 LEU 143 143 143 LEU LEU A . n 
A 1 144 LEU 144 144 144 LEU LEU A . n 
A 1 145 CYS 145 145 145 CYS CYS A . n 
A 1 146 PRO 146 146 146 PRO PRO A . n 
A 1 147 SER 147 147 147 SER SER A . n 
A 1 148 GLY 148 148 148 GLY GLY A . n 
A 1 149 HIS 149 149 149 HIS HIS A . n 
A 1 150 ALA 150 150 150 ALA ALA A . n 
A 1 151 VAL 151 151 151 VAL VAL A . n 
A 1 152 GLY 152 152 152 GLY GLY A . n 
A 1 153 ILE 153 153 153 ILE ILE A . n 
A 1 154 PHE 154 154 154 PHE PHE A . n 
A 1 155 ARG 155 155 155 ARG ARG A . n 
A 1 156 ALA 156 156 156 ALA ALA A . n 
A 1 157 ALA 157 157 157 ALA ALA A . n 
A 1 158 VAL 158 158 158 VAL VAL A . n 
A 1 159 CYS 159 159 159 CYS CYS A . n 
A 1 160 THR 160 160 160 THR THR A . n 
A 1 161 ARG 161 161 161 ARG ARG A . n 
A 1 162 GLY 162 162 162 GLY GLY A . n 
A 1 163 VAL 163 163 163 VAL VAL A . n 
A 1 164 ALA 164 164 164 ALA ALA A . n 
A 1 165 LYS 165 165 165 LYS LYS A . n 
A 1 166 ALA 166 166 166 ALA ALA A . n 
A 1 167 VAL 167 167 167 VAL VAL A . n 
A 1 168 ASP 168 168 168 ASP ASP A . n 
A 1 169 PHE 169 169 169 PHE PHE A . n 
A 1 170 VAL 170 170 170 VAL VAL A . n 
A 1 171 PRO 171 171 171 PRO PRO A . n 
A 1 172 VAL 172 172 172 VAL VAL A . n 
A 1 173 GLU 173 173 173 GLU GLU A . n 
A 1 174 SER 174 174 174 SER SER A . n 
A 1 175 MET 175 175 175 MET MET A . n 
A 1 176 GLU 176 176 176 GLU GLU A . n 
A 1 177 THR 177 177 177 THR THR A . n 
A 1 178 THR 178 178 178 THR THR A . n 
A 1 179 MET 179 179 179 MET MET A . n 
A 1 180 ARG 180 180 180 ARG ARG A . n 
A 1 181 SER 181 181 181 SER SER A . n 
A 1 182 PRO 182 182 182 PRO PRO A . n 
A 1 183 VAL 183 183 183 VAL VAL A . n 
A 1 184 PHE 184 184 184 PHE PHE A . n 
A 1 185 THR 185 185 ?   ?   ?   A . n 
A 1 186 ASP 186 186 ?   ?   ?   A . n 
A 1 187 ASN 187 187 ?   ?   ?   A . n 
A 1 188 SER 188 188 ?   ?   ?   A . n 
A 1 189 SER 189 189 ?   ?   ?   A . n 
B 1 1   ALA 1   1   ?   ?   ?   B . n 
B 1 2   PRO 2   2   2   PRO PRO B . n 
B 1 3   ILE 3   3   3   ILE ILE B . n 
B 1 4   THR 4   4   4   THR THR B . n 
B 1 5   ALA 5   5   5   ALA ALA B . n 
B 1 6   TYR 6   6   6   TYR TYR B . n 
B 1 7   SER 7   7   7   SER SER B . n 
B 1 8   GLN 8   8   8   GLN GLN B . n 
B 1 9   GLN 9   9   ?   ?   ?   B . n 
B 1 10  THR 10  10  ?   ?   ?   B . n 
B 1 11  ARG 11  11  ?   ?   ?   B . n 
B 1 12  GLY 12  12  12  GLY GLY B . n 
B 1 13  LEU 13  13  13  LEU LEU B . n 
B 1 14  LEU 14  14  14  LEU LEU B . n 
B 1 15  GLY 15  15  15  GLY GLY B . n 
B 1 16  CYS 16  16  16  CYS CYS B . n 
B 1 17  ILE 17  17  17  ILE ILE B . n 
B 1 18  ILE 18  18  18  ILE ILE B . n 
B 1 19  THR 19  19  19  THR THR B . n 
B 1 20  SER 20  20  20  SER SER B . n 
B 1 21  LEU 21  21  21  LEU LEU B . n 
B 1 22  THR 22  22  22  THR THR B . n 
B 1 23  GLY 23  23  ?   ?   ?   B . n 
B 1 24  ARG 24  24  ?   ?   ?   B . n 
B 1 25  ASP 25  25  ?   ?   ?   B . n 
B 1 26  LYS 26  26  ?   ?   ?   B . n 
B 1 27  ASN 27  27  ?   ?   ?   B . n 
B 1 28  GLN 28  28  28  GLN GLN B . n 
B 1 29  VAL 29  29  29  VAL VAL B . n 
B 1 30  GLU 30  30  30  GLU GLU B . n 
B 1 31  GLY 31  31  31  GLY GLY B . n 
B 1 32  GLU 32  32  32  GLU GLU B . n 
B 1 33  VAL 33  33  33  VAL VAL B . n 
B 1 34  GLN 34  34  34  GLN GLN B . n 
B 1 35  VAL 35  35  35  VAL VAL B . n 
B 1 36  VAL 36  36  36  VAL VAL B . n 
B 1 37  SER 37  37  37  SER SER B . n 
B 1 38  THR 38  38  38  THR THR B . n 
B 1 39  ALA 39  39  39  ALA ALA B . n 
B 1 40  THR 40  40  40  THR THR B . n 
B 1 41  GLN 41  41  41  GLN GLN B . n 
B 1 42  SER 42  42  42  SER SER B . n 
B 1 43  PHE 43  43  43  PHE PHE B . n 
B 1 44  LEU 44  44  44  LEU LEU B . n 
B 1 45  ALA 45  45  45  ALA ALA B . n 
B 1 46  THR 46  46  46  THR THR B . n 
B 1 47  CYS 47  47  47  CYS CYS B . n 
B 1 48  VAL 48  48  48  VAL VAL B . n 
B 1 49  ASN 49  49  49  ASN ASN B . n 
B 1 50  GLY 50  50  50  GLY GLY B . n 
B 1 51  VAL 51  51  51  VAL VAL B . n 
B 1 52  CYS 52  52  52  CYS CYS B . n 
B 1 53  TRP 53  53  53  TRP TRP B . n 
B 1 54  THR 54  54  54  THR THR B . n 
B 1 55  VAL 55  55  55  VAL VAL B . n 
B 1 56  TYR 56  56  56  TYR TYR B . n 
B 1 57  HIS 57  57  57  HIS HIS B . n 
B 1 58  GLY 58  58  58  GLY GLY B . n 
B 1 59  ALA 59  59  59  ALA ALA B . n 
B 1 60  GLY 60  60  60  GLY GLY B . n 
B 1 61  SER 61  61  61  SER SER B . n 
B 1 62  LYS 62  62  62  LYS LYS B . n 
B 1 63  THR 63  63  63  THR THR B . n 
B 1 64  LEU 64  64  64  LEU LEU B . n 
B 1 65  ALA 65  65  65  ALA ALA B . n 
B 1 66  GLY 66  66  66  GLY GLY B . n 
B 1 67  PRO 67  67  67  PRO PRO B . n 
B 1 68  LYS 68  68  68  LYS LYS B . n 
B 1 69  GLY 69  69  69  GLY GLY B . n 
B 1 70  PRO 70  70  70  PRO PRO B . n 
B 1 71  ILE 71  71  71  ILE ILE B . n 
B 1 72  THR 72  72  72  THR THR B . n 
B 1 73  GLN 73  73  73  GLN GLN B . n 
B 1 74  MET 74  74  74  MET MET B . n 
B 1 75  TYR 75  75  75  TYR TYR B . n 
B 1 76  THR 76  76  76  THR THR B . n 
B 1 77  ASN 77  77  77  ASN ASN B . n 
B 1 78  VAL 78  78  78  VAL VAL B . n 
B 1 79  ASP 79  79  79  ASP ASP B . n 
B 1 80  GLN 80  80  80  GLN GLN B . n 
B 1 81  ASP 81  81  81  ASP ASP B . n 
B 1 82  LEU 82  82  82  LEU LEU B . n 
B 1 83  VAL 83  83  83  VAL VAL B . n 
B 1 84  GLY 84  84  84  GLY GLY B . n 
B 1 85  TRP 85  85  85  TRP TRP B . n 
B 1 86  GLN 86  86  86  GLN GLN B . n 
B 1 87  ALA 87  87  87  ALA ALA B . n 
B 1 88  PRO 88  88  88  PRO PRO B . n 
B 1 89  PRO 89  89  89  PRO PRO B . n 
B 1 90  GLY 90  90  90  GLY GLY B . n 
B 1 91  ALA 91  91  91  ALA ALA B . n 
B 1 92  ARG 92  92  92  ARG ARG B . n 
B 1 93  SER 93  93  93  SER SER B . n 
B 1 94  LEU 94  94  94  LEU LEU B . n 
B 1 95  THR 95  95  95  THR THR B . n 
B 1 96  PRO 96  96  96  PRO PRO B . n 
B 1 97  CYS 97  97  97  CYS CYS B . n 
B 1 98  THR 98  98  98  THR THR B . n 
B 1 99  CYS 99  99  99  CYS CYS B . n 
B 1 100 GLY 100 100 100 GLY GLY B . n 
B 1 101 SER 101 101 101 SER SER B . n 
B 1 102 SER 102 102 102 SER SER B . n 
B 1 103 ASP 103 103 103 ASP ASP B . n 
B 1 104 LEU 104 104 104 LEU LEU B . n 
B 1 105 TYR 105 105 105 TYR TYR B . n 
B 1 106 LEU 106 106 106 LEU LEU B . n 
B 1 107 VAL 107 107 107 VAL VAL B . n 
B 1 108 THR 108 108 108 THR THR B . n 
B 1 109 ARG 109 109 109 ARG ARG B . n 
B 1 110 HIS 110 110 110 HIS HIS B . n 
B 1 111 ALA 111 111 111 ALA ALA B . n 
B 1 112 ASP 112 112 112 ASP ASP B . n 
B 1 113 VAL 113 113 113 VAL VAL B . n 
B 1 114 ILE 114 114 114 ILE ILE B . n 
B 1 115 PRO 115 115 115 PRO PRO B . n 
B 1 116 VAL 116 116 116 VAL VAL B . n 
B 1 117 ARG 117 117 117 ARG ARG B . n 
B 1 118 ARG 118 118 118 ARG ARG B . n 
B 1 119 ARG 119 119 119 ARG ARG B . n 
B 1 120 GLY 120 120 120 GLY GLY B . n 
B 1 121 ASP 121 121 121 ASP ASP B . n 
B 1 122 SER 122 122 122 SER SER B . n 
B 1 123 ARG 123 123 123 ARG ARG B . n 
B 1 124 GLY 124 124 124 GLY GLY B . n 
B 1 125 SER 125 125 125 SER SER B . n 
B 1 126 LEU 126 126 126 LEU LEU B . n 
B 1 127 LEU 127 127 127 LEU LEU B . n 
B 1 128 SER 128 128 128 SER SER B . n 
B 1 129 PRO 129 129 129 PRO PRO B . n 
B 1 130 ARG 130 130 130 ARG ARG B . n 
B 1 131 PRO 131 131 131 PRO PRO B . n 
B 1 132 VAL 132 132 132 VAL VAL B . n 
B 1 133 SER 133 133 133 SER SER B . n 
B 1 134 TYR 134 134 134 TYR TYR B . n 
B 1 135 LEU 135 135 135 LEU LEU B . n 
B 1 136 LYS 136 136 136 LYS LYS B . n 
B 1 137 GLY 137 137 137 GLY GLY B . n 
B 1 138 SER 138 138 138 SER SER B . n 
B 1 139 SER 139 139 139 SER SER B . n 
B 1 140 GLY 140 140 140 GLY GLY B . n 
B 1 141 GLY 141 141 141 GLY GLY B . n 
B 1 142 PRO 142 142 142 PRO PRO B . n 
B 1 143 LEU 143 143 143 LEU LEU B . n 
B 1 144 LEU 144 144 144 LEU LEU B . n 
B 1 145 CYS 145 145 145 CYS CYS B . n 
B 1 146 PRO 146 146 146 PRO PRO B . n 
B 1 147 SER 147 147 147 SER SER B . n 
B 1 148 GLY 148 148 148 GLY GLY B . n 
B 1 149 HIS 149 149 149 HIS HIS B . n 
B 1 150 ALA 150 150 150 ALA ALA B . n 
B 1 151 VAL 151 151 151 VAL VAL B . n 
B 1 152 GLY 152 152 152 GLY GLY B . n 
B 1 153 ILE 153 153 153 ILE ILE B . n 
B 1 154 PHE 154 154 154 PHE PHE B . n 
B 1 155 ARG 155 155 155 ARG ARG B . n 
B 1 156 ALA 156 156 156 ALA ALA B . n 
B 1 157 ALA 157 157 157 ALA ALA B . n 
B 1 158 VAL 158 158 158 VAL VAL B . n 
B 1 159 CYS 159 159 159 CYS CYS B . n 
B 1 160 THR 160 160 160 THR THR B . n 
B 1 161 ARG 161 161 161 ARG ARG B . n 
B 1 162 GLY 162 162 162 GLY GLY B . n 
B 1 163 VAL 163 163 163 VAL VAL B . n 
B 1 164 ALA 164 164 164 ALA ALA B . n 
B 1 165 LYS 165 165 165 LYS LYS B . n 
B 1 166 ALA 166 166 166 ALA ALA B . n 
B 1 167 VAL 167 167 167 VAL VAL B . n 
B 1 168 ASP 168 168 168 ASP ASP B . n 
B 1 169 PHE 169 169 169 PHE PHE B . n 
B 1 170 VAL 170 170 170 VAL VAL B . n 
B 1 171 PRO 171 171 171 PRO PRO B . n 
B 1 172 VAL 172 172 172 VAL VAL B . n 
B 1 173 GLU 173 173 173 GLU GLU B . n 
B 1 174 SER 174 174 174 SER SER B . n 
B 1 175 MET 175 175 175 MET MET B . n 
B 1 176 GLU 176 176 176 GLU GLU B . n 
B 1 177 THR 177 177 177 THR THR B . n 
B 1 178 THR 178 178 178 THR THR B . n 
B 1 179 MET 179 179 179 MET MET B . n 
B 1 180 ARG 180 180 ?   ?   ?   B . n 
B 1 181 SER 181 181 ?   ?   ?   B . n 
B 1 182 PRO 182 182 ?   ?   ?   B . n 
B 1 183 VAL 183 183 ?   ?   ?   B . n 
B 1 184 PHE 184 184 ?   ?   ?   B . n 
B 1 185 THR 185 185 ?   ?   ?   B . n 
B 1 186 ASP 186 186 ?   ?   ?   B . n 
B 1 187 ASN 187 187 ?   ?   ?   B . n 
B 1 188 SER 188 188 ?   ?   ?   B . n 
B 1 189 SER 189 189 ?   ?   ?   B . n 
C 1 1   ALA 1   1   ?   ?   ?   C . n 
C 1 2   PRO 2   2   2   PRO PRO C . n 
C 1 3   ILE 3   3   3   ILE ILE C . n 
C 1 4   THR 4   4   4   THR THR C . n 
C 1 5   ALA 5   5   5   ALA ALA C . n 
C 1 6   TYR 6   6   6   TYR TYR C . n 
C 1 7   SER 7   7   7   SER SER C . n 
C 1 8   GLN 8   8   8   GLN GLN C . n 
C 1 9   GLN 9   9   9   GLN GLN C . n 
C 1 10  THR 10  10  10  THR THR C . n 
C 1 11  ARG 11  11  11  ARG ARG C . n 
C 1 12  GLY 12  12  12  GLY GLY C . n 
C 1 13  LEU 13  13  13  LEU LEU C . n 
C 1 14  LEU 14  14  14  LEU LEU C . n 
C 1 15  GLY 15  15  15  GLY GLY C . n 
C 1 16  CYS 16  16  16  CYS CYS C . n 
C 1 17  ILE 17  17  17  ILE ILE C . n 
C 1 18  ILE 18  18  18  ILE ILE C . n 
C 1 19  THR 19  19  19  THR THR C . n 
C 1 20  SER 20  20  20  SER SER C . n 
C 1 21  LEU 21  21  21  LEU LEU C . n 
C 1 22  THR 22  22  22  THR THR C . n 
C 1 23  GLY 23  23  23  GLY GLY C . n 
C 1 24  ARG 24  24  24  ARG ARG C . n 
C 1 25  ASP 25  25  25  ASP ASP C . n 
C 1 26  LYS 26  26  26  LYS LYS C . n 
C 1 27  ASN 27  27  27  ASN ASN C . n 
C 1 28  GLN 28  28  28  GLN GLN C . n 
C 1 29  VAL 29  29  29  VAL VAL C . n 
C 1 30  GLU 30  30  30  GLU GLU C . n 
C 1 31  GLY 31  31  31  GLY GLY C . n 
C 1 32  GLU 32  32  32  GLU GLU C . n 
C 1 33  VAL 33  33  33  VAL VAL C . n 
C 1 34  GLN 34  34  34  GLN GLN C . n 
C 1 35  VAL 35  35  35  VAL VAL C . n 
C 1 36  VAL 36  36  36  VAL VAL C . n 
C 1 37  SER 37  37  37  SER SER C . n 
C 1 38  THR 38  38  38  THR THR C . n 
C 1 39  ALA 39  39  39  ALA ALA C . n 
C 1 40  THR 40  40  40  THR THR C . n 
C 1 41  GLN 41  41  41  GLN GLN C . n 
C 1 42  SER 42  42  42  SER SER C . n 
C 1 43  PHE 43  43  43  PHE PHE C . n 
C 1 44  LEU 44  44  44  LEU LEU C . n 
C 1 45  ALA 45  45  45  ALA ALA C . n 
C 1 46  THR 46  46  46  THR THR C . n 
C 1 47  CYS 47  47  47  CYS CYS C . n 
C 1 48  VAL 48  48  48  VAL VAL C . n 
C 1 49  ASN 49  49  49  ASN ASN C . n 
C 1 50  GLY 50  50  50  GLY GLY C . n 
C 1 51  VAL 51  51  51  VAL VAL C . n 
C 1 52  CYS 52  52  52  CYS CYS C . n 
C 1 53  TRP 53  53  53  TRP TRP C . n 
C 1 54  THR 54  54  54  THR THR C . n 
C 1 55  VAL 55  55  55  VAL VAL C . n 
C 1 56  TYR 56  56  56  TYR TYR C . n 
C 1 57  HIS 57  57  57  HIS HIS C . n 
C 1 58  GLY 58  58  58  GLY GLY C . n 
C 1 59  ALA 59  59  59  ALA ALA C . n 
C 1 60  GLY 60  60  60  GLY GLY C . n 
C 1 61  SER 61  61  61  SER SER C . n 
C 1 62  LYS 62  62  62  LYS LYS C . n 
C 1 63  THR 63  63  63  THR THR C . n 
C 1 64  LEU 64  64  64  LEU LEU C . n 
C 1 65  ALA 65  65  65  ALA ALA C . n 
C 1 66  GLY 66  66  66  GLY GLY C . n 
C 1 67  PRO 67  67  67  PRO PRO C . n 
C 1 68  LYS 68  68  68  LYS LYS C . n 
C 1 69  GLY 69  69  69  GLY GLY C . n 
C 1 70  PRO 70  70  70  PRO PRO C . n 
C 1 71  ILE 71  71  71  ILE ILE C . n 
C 1 72  THR 72  72  72  THR THR C . n 
C 1 73  GLN 73  73  73  GLN GLN C . n 
C 1 74  MET 74  74  74  MET MET C . n 
C 1 75  TYR 75  75  75  TYR TYR C . n 
C 1 76  THR 76  76  76  THR THR C . n 
C 1 77  ASN 77  77  77  ASN ASN C . n 
C 1 78  VAL 78  78  78  VAL VAL C . n 
C 1 79  ASP 79  79  79  ASP ASP C . n 
C 1 80  GLN 80  80  80  GLN GLN C . n 
C 1 81  ASP 81  81  81  ASP ASP C . n 
C 1 82  LEU 82  82  82  LEU LEU C . n 
C 1 83  VAL 83  83  83  VAL VAL C . n 
C 1 84  GLY 84  84  84  GLY GLY C . n 
C 1 85  TRP 85  85  85  TRP TRP C . n 
C 1 86  GLN 86  86  86  GLN GLN C . n 
C 1 87  ALA 87  87  87  ALA ALA C . n 
C 1 88  PRO 88  88  88  PRO PRO C . n 
C 1 89  PRO 89  89  89  PRO PRO C . n 
C 1 90  GLY 90  90  90  GLY GLY C . n 
C 1 91  ALA 91  91  91  ALA ALA C . n 
C 1 92  ARG 92  92  92  ARG ARG C . n 
C 1 93  SER 93  93  93  SER SER C . n 
C 1 94  LEU 94  94  94  LEU LEU C . n 
C 1 95  THR 95  95  95  THR THR C . n 
C 1 96  PRO 96  96  96  PRO PRO C . n 
C 1 97  CYS 97  97  97  CYS CYS C . n 
C 1 98  THR 98  98  98  THR THR C . n 
C 1 99  CYS 99  99  99  CYS CYS C . n 
C 1 100 GLY 100 100 100 GLY GLY C . n 
C 1 101 SER 101 101 101 SER SER C . n 
C 1 102 SER 102 102 102 SER SER C . n 
C 1 103 ASP 103 103 103 ASP ASP C . n 
C 1 104 LEU 104 104 104 LEU LEU C . n 
C 1 105 TYR 105 105 105 TYR TYR C . n 
C 1 106 LEU 106 106 106 LEU LEU C . n 
C 1 107 VAL 107 107 107 VAL VAL C . n 
C 1 108 THR 108 108 108 THR THR C . n 
C 1 109 ARG 109 109 109 ARG ARG C . n 
C 1 110 HIS 110 110 110 HIS HIS C . n 
C 1 111 ALA 111 111 111 ALA ALA C . n 
C 1 112 ASP 112 112 112 ASP ASP C . n 
C 1 113 VAL 113 113 113 VAL VAL C . n 
C 1 114 ILE 114 114 114 ILE ILE C . n 
C 1 115 PRO 115 115 115 PRO PRO C . n 
C 1 116 VAL 116 116 116 VAL VAL C . n 
C 1 117 ARG 117 117 117 ARG ARG C . n 
C 1 118 ARG 118 118 118 ARG ARG C . n 
C 1 119 ARG 119 119 119 ARG ARG C . n 
C 1 120 GLY 120 120 120 GLY GLY C . n 
C 1 121 ASP 121 121 121 ASP ASP C . n 
C 1 122 SER 122 122 122 SER SER C . n 
C 1 123 ARG 123 123 123 ARG ARG C . n 
C 1 124 GLY 124 124 124 GLY GLY C . n 
C 1 125 SER 125 125 125 SER SER C . n 
C 1 126 LEU 126 126 126 LEU LEU C . n 
C 1 127 LEU 127 127 127 LEU LEU C . n 
C 1 128 SER 128 128 128 SER SER C . n 
C 1 129 PRO 129 129 129 PRO PRO C . n 
C 1 130 ARG 130 130 130 ARG ARG C . n 
C 1 131 PRO 131 131 131 PRO PRO C . n 
C 1 132 VAL 132 132 132 VAL VAL C . n 
C 1 133 SER 133 133 133 SER SER C . n 
C 1 134 TYR 134 134 134 TYR TYR C . n 
C 1 135 LEU 135 135 135 LEU LEU C . n 
C 1 136 LYS 136 136 136 LYS LYS C . n 
C 1 137 GLY 137 137 137 GLY GLY C . n 
C 1 138 SER 138 138 138 SER SER C . n 
C 1 139 SER 139 139 139 SER SER C . n 
C 1 140 GLY 140 140 140 GLY GLY C . n 
C 1 141 GLY 141 141 141 GLY GLY C . n 
C 1 142 PRO 142 142 142 PRO PRO C . n 
C 1 143 LEU 143 143 143 LEU LEU C . n 
C 1 144 LEU 144 144 144 LEU LEU C . n 
C 1 145 CYS 145 145 145 CYS CYS C . n 
C 1 146 PRO 146 146 146 PRO PRO C . n 
C 1 147 SER 147 147 147 SER SER C . n 
C 1 148 GLY 148 148 148 GLY GLY C . n 
C 1 149 HIS 149 149 149 HIS HIS C . n 
C 1 150 ALA 150 150 150 ALA ALA C . n 
C 1 151 VAL 151 151 151 VAL VAL C . n 
C 1 152 GLY 152 152 152 GLY GLY C . n 
C 1 153 ILE 153 153 153 ILE ILE C . n 
C 1 154 PHE 154 154 154 PHE PHE C . n 
C 1 155 ARG 155 155 155 ARG ARG C . n 
C 1 156 ALA 156 156 156 ALA ALA C . n 
C 1 157 ALA 157 157 157 ALA ALA C . n 
C 1 158 VAL 158 158 158 VAL VAL C . n 
C 1 159 CYS 159 159 159 CYS CYS C . n 
C 1 160 THR 160 160 160 THR THR C . n 
C 1 161 ARG 161 161 161 ARG ARG C . n 
C 1 162 GLY 162 162 162 GLY GLY C . n 
C 1 163 VAL 163 163 163 VAL VAL C . n 
C 1 164 ALA 164 164 164 ALA ALA C . n 
C 1 165 LYS 165 165 165 LYS LYS C . n 
C 1 166 ALA 166 166 166 ALA ALA C . n 
C 1 167 VAL 167 167 167 VAL VAL C . n 
C 1 168 ASP 168 168 168 ASP ASP C . n 
C 1 169 PHE 169 169 169 PHE PHE C . n 
C 1 170 VAL 170 170 170 VAL VAL C . n 
C 1 171 PRO 171 171 171 PRO PRO C . n 
C 1 172 VAL 172 172 172 VAL VAL C . n 
C 1 173 GLU 173 173 173 GLU GLU C . n 
C 1 174 SER 174 174 174 SER SER C . n 
C 1 175 MET 175 175 175 MET MET C . n 
C 1 176 GLU 176 176 176 GLU GLU C . n 
C 1 177 THR 177 177 177 THR THR C . n 
C 1 178 THR 178 178 178 THR THR C . n 
C 1 179 MET 179 179 179 MET MET C . n 
C 1 180 ARG 180 180 ?   ?   ?   C . n 
C 1 181 SER 181 181 ?   ?   ?   C . n 
C 1 182 PRO 182 182 ?   ?   ?   C . n 
C 1 183 VAL 183 183 ?   ?   ?   C . n 
C 1 184 PHE 184 184 ?   ?   ?   C . n 
C 1 185 THR 185 185 ?   ?   ?   C . n 
C 1 186 ASP 186 186 ?   ?   ?   C . n 
C 1 187 ASN 187 187 ?   ?   ?   C . n 
C 1 188 SER 188 188 ?   ?   ?   C . n 
C 1 189 SER 189 189 ?   ?   ?   C . n 
# 
loop_
_pdbx_nonpoly_scheme.asym_id 
_pdbx_nonpoly_scheme.entity_id 
_pdbx_nonpoly_scheme.mon_id 
_pdbx_nonpoly_scheme.ndb_seq_num 
_pdbx_nonpoly_scheme.pdb_seq_num 
_pdbx_nonpoly_scheme.auth_seq_num 
_pdbx_nonpoly_scheme.pdb_mon_id 
_pdbx_nonpoly_scheme.auth_mon_id 
_pdbx_nonpoly_scheme.pdb_strand_id 
_pdbx_nonpoly_scheme.pdb_ins_code 
D 2 ZN 1 901 901 ZN ZN A . 
E 2 ZN 1 901 901 ZN ZN B . 
F 2 ZN 1 901 901 ZN ZN C . 
# 
loop_
_software.name 
_software.classification 
_software.version 
_software.citation_id 
_software.pdbx_ordinal 
PHASES    phasing          .   ? 1 
X-PLOR    'model building' 3.1 ? 2 
X-PLOR    refinement       3.1 ? 3 
DENZO     'data reduction' .   ? 4 
SCALEPACK 'data scaling'   .   ? 5 
X-PLOR    phasing          3.1 ? 6 
# 
_cell.entry_id           1A1Q 
_cell.length_a           133.000 
_cell.length_b           133.000 
_cell.length_c           223.000 
_cell.angle_alpha        90.00 
_cell.angle_beta         90.00 
_cell.angle_gamma        120.00 
_cell.Z_PDB              54 
_cell.pdbx_unique_axis   ? 
# 
_symmetry.entry_id                         1A1Q 
_symmetry.space_group_name_H-M             'H 3 2' 
_symmetry.pdbx_full_space_group_name_H-M   ? 
_symmetry.cell_setting                     ? 
_symmetry.Int_Tables_number                155 
# 
_exptl.entry_id          1A1Q 
_exptl.method            'X-RAY DIFFRACTION' 
_exptl.crystals_number   1 
# 
_exptl_crystal.id                    1 
_exptl_crystal.density_meas          ? 
_exptl_crystal.density_Matthews      3.18 
_exptl_crystal.density_percent_sol   62. 
_exptl_crystal.description           ? 
# 
_exptl_crystal_grow.crystal_id      1 
_exptl_crystal_grow.method          ? 
_exptl_crystal_grow.temp            ? 
_exptl_crystal_grow.temp_details    ? 
_exptl_crystal_grow.pH              6.5 
_exptl_crystal_grow.pdbx_pH_range   ? 
_exptl_crystal_grow.pdbx_details    
'VAPOR DIFFUSION. PROTEIN MIXED WITH WELL SOLUTION OF: 3.5M NACL, 150MM TRIS-HCL (PH 6.0), 5% PEG400., pH 6.5' 
# 
_diffrn.id                     1 
_diffrn.ambient_temp           100 
_diffrn.ambient_temp_details   ? 
_diffrn.crystal_id             1 
# 
_diffrn_detector.diffrn_id              1 
_diffrn_detector.detector               'IMAGE PLATE' 
_diffrn_detector.type                   MARRESEARCH 
_diffrn_detector.pdbx_collection_date   1995-11 
_diffrn_detector.details                MIRRORS 
# 
_diffrn_radiation.diffrn_id                        1 
_diffrn_radiation.wavelength_id                    1 
_diffrn_radiation.pdbx_monochromatic_or_laue_m_l   M 
_diffrn_radiation.monochromator                    ? 
_diffrn_radiation.pdbx_diffrn_protocol             ? 
_diffrn_radiation.pdbx_scattering_type             x-ray 
# 
_diffrn_radiation_wavelength.id           1 
_diffrn_radiation_wavelength.wavelength   0.995 
_diffrn_radiation_wavelength.wt           1.0 
# 
_diffrn_source.diffrn_id                   1 
_diffrn_source.source                      SYNCHROTRON 
_diffrn_source.type                        'ESRF BEAMLINE ID14-3' 
_diffrn_source.pdbx_synchrotron_site       ESRF 
_diffrn_source.pdbx_synchrotron_beamline   ID14-3 
_diffrn_source.pdbx_wavelength             0.995 
_diffrn_source.pdbx_wavelength_list        ? 
# 
_reflns.entry_id                     1A1Q 
_reflns.observed_criterion_sigma_I   0. 
_reflns.observed_criterion_sigma_F   ? 
_reflns.d_resolution_low             20.0 
_reflns.d_resolution_high            2.4 
_reflns.number_obs                   30000 
_reflns.number_all                   ? 
_reflns.percent_possible_obs         98. 
_reflns.pdbx_Rmerge_I_obs            ? 
_reflns.pdbx_Rsym_value              0.0790000 
_reflns.pdbx_netI_over_sigmaI        10. 
_reflns.B_iso_Wilson_estimate        20. 
_reflns.pdbx_redundancy              3. 
_reflns.pdbx_ordinal                 1 
_reflns.pdbx_diffrn_id               1 
# 
_reflns_shell.d_res_high             2.4 
_reflns_shell.d_res_low              2.5 
_reflns_shell.percent_possible_all   98. 
_reflns_shell.Rmerge_I_obs           ? 
_reflns_shell.pdbx_Rsym_value        0.2900000 
_reflns_shell.meanI_over_sigI_obs    4. 
_reflns_shell.pdbx_redundancy        3. 
_reflns_shell.pdbx_ordinal           1 
_reflns_shell.pdbx_diffrn_id         1 
# 
_refine.entry_id                                 1A1Q 
_refine.ls_number_reflns_obs                     25000 
_refine.ls_number_reflns_all                     ? 
_refine.pdbx_ls_sigma_I                          ? 
_refine.pdbx_ls_sigma_F                          2. 
_refine.pdbx_data_cutoff_high_absF               100000. 
_refine.pdbx_data_cutoff_low_absF                0.001 
_refine.pdbx_data_cutoff_high_rms_absF           ? 
_refine.ls_d_res_low                             8. 
_refine.ls_d_res_high                            2.4 
_refine.ls_percent_reflns_obs                    98. 
_refine.ls_R_factor_obs                          0.2250000 
_refine.ls_R_factor_all                          ? 
_refine.ls_R_factor_R_work                       0.2250000 
_refine.ls_R_factor_R_free                       0.3200000 
_refine.ls_R_factor_R_free_error                 0.02 
_refine.ls_R_factor_R_free_error_details         ? 
_refine.ls_percent_reflns_R_free                 8. 
_refine.ls_number_reflns_R_free                  2000 
_refine.ls_number_parameters                     ? 
_refine.ls_number_restraints                     ? 
_refine.occupancy_min                            ? 
_refine.occupancy_max                            ? 
_refine.B_iso_mean                               17. 
_refine.aniso_B[1][1]                            ? 
_refine.aniso_B[2][2]                            ? 
_refine.aniso_B[3][3]                            ? 
_refine.aniso_B[1][2]                            ? 
_refine.aniso_B[1][3]                            ? 
_refine.aniso_B[2][3]                            ? 
_refine.solvent_model_details                    ? 
_refine.solvent_model_param_ksol                 ? 
_refine.solvent_model_param_bsol                 ? 
_refine.pdbx_ls_cross_valid_method               THROUGHOUT 
_refine.details                                  
;OF THE THREE MOLECULES IN THE ASYMMETRIC UNIT, THE
CONFORMATION OF N TERMINAL REGION IS TRULY REPRESENTED BY
CHAINS A AND C AND SHOWS A STRAND EXCHANGE PHENOMENON.
HOWEVER, THIS COULD NOT BE CLEARLY SEEN IN CHAIN B SINCE
THERE ARE SOME MISSING RESIDUES.  FOR COMPLETE DESCRIPTION
PLEASE SEE THE REFERENCED JOURNAL.
;
_refine.pdbx_starting_model                      ? 
_refine.pdbx_method_to_determine_struct          'HEAVY ATOMS: ISOMORPHOUS + ANOMALOUS SIGNALS' 
_refine.pdbx_isotropic_thermal_model             RESTRAINED 
_refine.pdbx_stereochemistry_target_values       ? 
_refine.pdbx_stereochem_target_val_spec_case     ? 
_refine.pdbx_R_Free_selection_details            RANDOM 
_refine.pdbx_overall_ESU_R                       ? 
_refine.pdbx_overall_ESU_R_Free                  ? 
_refine.overall_SU_ML                            ? 
_refine.overall_SU_B                             ? 
_refine.pdbx_refine_id                           'X-RAY DIFFRACTION' 
_refine.pdbx_diffrn_id                           1 
_refine.pdbx_TLS_residual_ADP_flag               ? 
_refine.correlation_coeff_Fo_to_Fc               ? 
_refine.correlation_coeff_Fo_to_Fc_free          ? 
_refine.pdbx_solvent_vdw_probe_radii             ? 
_refine.pdbx_solvent_ion_probe_radii             ? 
_refine.pdbx_solvent_shrinkage_radii             ? 
_refine.pdbx_overall_phase_error                 ? 
_refine.overall_SU_R_Cruickshank_DPI             ? 
_refine.pdbx_overall_SU_R_free_Cruickshank_DPI   ? 
_refine.pdbx_overall_SU_R_Blow_DPI               ? 
_refine.pdbx_overall_SU_R_free_Blow_DPI          ? 
# 
_refine_hist.pdbx_refine_id                   'X-RAY DIFFRACTION' 
_refine_hist.cycle_id                         LAST 
_refine_hist.pdbx_number_atoms_protein        531 
_refine_hist.pdbx_number_atoms_nucleic_acid   0 
_refine_hist.pdbx_number_atoms_ligand         3 
_refine_hist.number_atoms_solvent             0 
_refine_hist.number_atoms_total               534 
_refine_hist.d_res_high                       2.4 
_refine_hist.d_res_low                        8. 
# 
loop_
_refine_ls_restr.type 
_refine_ls_restr.dev_ideal 
_refine_ls_restr.dev_ideal_target 
_refine_ls_restr.weight 
_refine_ls_restr.number 
_refine_ls_restr.pdbx_refine_id 
_refine_ls_restr.pdbx_restraint_function 
x_bond_d                0.02 ?  ? ? 'X-RAY DIFFRACTION' ? 
x_bond_d_na             ?    ?  ? ? 'X-RAY DIFFRACTION' ? 
x_bond_d_prot           ?    ?  ? ? 'X-RAY DIFFRACTION' ? 
x_angle_d               ?    ?  ? ? 'X-RAY DIFFRACTION' ? 
x_angle_d_na            ?    ?  ? ? 'X-RAY DIFFRACTION' ? 
x_angle_d_prot          ?    ?  ? ? 'X-RAY DIFFRACTION' ? 
x_angle_deg             2.1  ?  ? ? 'X-RAY DIFFRACTION' ? 
x_angle_deg_na          ?    ?  ? ? 'X-RAY DIFFRACTION' ? 
x_angle_deg_prot        ?    ?  ? ? 'X-RAY DIFFRACTION' ? 
x_dihedral_angle_d      28.  ?  ? ? 'X-RAY DIFFRACTION' ? 
x_dihedral_angle_d_na   ?    ?  ? ? 'X-RAY DIFFRACTION' ? 
x_dihedral_angle_d_prot ?    ?  ? ? 'X-RAY DIFFRACTION' ? 
x_improper_angle_d      2.0  ?  ? ? 'X-RAY DIFFRACTION' ? 
x_improper_angle_d_na   ?    ?  ? ? 'X-RAY DIFFRACTION' ? 
x_improper_angle_d_prot ?    ?  ? ? 'X-RAY DIFFRACTION' ? 
x_mcbond_it             5.   5. ? ? 'X-RAY DIFFRACTION' ? 
x_mcangle_it            5.   5. ? ? 'X-RAY DIFFRACTION' ? 
x_scbond_it             5.   5. ? ? 'X-RAY DIFFRACTION' ? 
x_scangle_it            5.   5. ? ? 'X-RAY DIFFRACTION' ? 
# 
_refine_ls_restr_ncs.dom_id              1 
_refine_ls_restr_ncs.ncs_model_details   RESTRAINTS 
_refine_ls_restr_ncs.rms_dev_position    1.5 
_refine_ls_restr_ncs.weight_position     200 
_refine_ls_restr_ncs.rms_dev_B_iso       10. 
_refine_ls_restr_ncs.weight_B_iso        2 
_refine_ls_restr_ncs.pdbx_type           . 
_refine_ls_restr_ncs.pdbx_auth_asym_id   . 
_refine_ls_restr_ncs.pdbx_ens_id         1 
_refine_ls_restr_ncs.pdbx_refine_id      'X-RAY DIFFRACTION' 
_refine_ls_restr_ncs.pdbx_ordinal        1 
_refine_ls_restr_ncs.pdbx_number         ? 
_refine_ls_restr_ncs.pdbx_asym_id        ? 
_refine_ls_restr_ncs.pdbx_rms            ? 
_refine_ls_restr_ncs.pdbx_weight         ? 
# 
_refine_ls_shell.pdbx_total_number_of_bins_used   12 
_refine_ls_shell.d_res_high                       2.4 
_refine_ls_shell.d_res_low                        2.5 
_refine_ls_shell.number_reflns_R_work             2000 
_refine_ls_shell.R_factor_R_work                  0.2800000 
_refine_ls_shell.percent_reflns_obs               98. 
_refine_ls_shell.R_factor_R_free                  0.3800000 
_refine_ls_shell.R_factor_R_free_error            0.04 
_refine_ls_shell.percent_reflns_R_free            8. 
_refine_ls_shell.number_reflns_R_free             200 
_refine_ls_shell.pdbx_refine_id                   'X-RAY DIFFRACTION' 
_refine_ls_shell.number_reflns_all                ? 
_refine_ls_shell.R_factor_all                     ? 
# 
loop_
_pdbx_xplor_file.serial_no 
_pdbx_xplor_file.param_file 
_pdbx_xplor_file.topol_file 
_pdbx_xplor_file.pdbx_refine_id 
1 PARHCSDX.PRO TOPHCSDX.PRO 'X-RAY DIFFRACTION' 
2 ?            ?            'X-RAY DIFFRACTION' 
# 
loop_
_struct_ncs_oper.id 
_struct_ncs_oper.code 
_struct_ncs_oper.details 
_struct_ncs_oper.matrix[1][1] 
_struct_ncs_oper.matrix[1][2] 
_struct_ncs_oper.matrix[1][3] 
_struct_ncs_oper.matrix[2][1] 
_struct_ncs_oper.matrix[2][2] 
_struct_ncs_oper.matrix[2][3] 
_struct_ncs_oper.matrix[3][1] 
_struct_ncs_oper.matrix[3][2] 
_struct_ncs_oper.matrix[3][3] 
_struct_ncs_oper.vector[1] 
_struct_ncs_oper.vector[2] 
_struct_ncs_oper.vector[3] 
1 given ? -0.53945901 -0.70985768 -0.45286520 -0.28600599 -0.35138108 0.89147737  -0.79195050 0.61043759  -0.01346791 -17.38031 -6.12216 -8.39765 
2 given ? -0.14040125 -0.50392009 0.85226341  -0.44046998 -0.73912524 -0.50958801 0.88672038  -0.44694309 -0.11818850 -3.24705  13.60626 6.68131 
# 
_struct_ncs_dom.id            1 
_struct_ncs_dom.pdbx_ens_id   1 
_struct_ncs_dom.details       ? 
# 
_struct_ncs_ens.id        1 
_struct_ncs_ens.details   ? 
# 
_struct.entry_id                  1A1Q 
_struct.title                     'HEPATITIS C VIRUS NS3 PROTEINASE' 
_struct.pdbx_model_details        ? 
_struct.pdbx_CASP_flag            ? 
_struct.pdbx_model_type_details   ? 
# 
_struct_keywords.entry_id        1A1Q 
_struct_keywords.pdbx_keywords   HYDROLASE 
_struct_keywords.text            'HYDROLASE, SERINE PROTEASE' 
# 
loop_
_struct_asym.id 
_struct_asym.pdbx_blank_PDB_chainid_flag 
_struct_asym.pdbx_modified 
_struct_asym.entity_id 
_struct_asym.details 
A N N 1 ? 
B N N 1 ? 
C N N 1 ? 
D N N 2 ? 
E N N 2 ? 
F N N 2 ? 
# 
_struct_ref.id                         1 
_struct_ref.db_name                    UNP 
_struct_ref.db_code                    POLG_HCVBK 
_struct_ref.entity_id                  1 
_struct_ref.pdbx_db_accession          P26663 
_struct_ref.pdbx_align_begin           1 
_struct_ref.pdbx_seq_one_letter_code   
;MSTNPKPQRKTKRNTNRRPQDVKFPGGGQIVGGVYLLPRRGPRLGVRAPRKTSERSQPRGRRQPIPKARRPEGRTWAQPG
YPWPLYGNEGLGWAGWLLSPRGSRPSWGPTDPRRRSRNLGKVIDTLTCGFADLMGYIPLVGAPLGGAARALAHGVRVLED
GVNYATGNLPGCSFSIFLLALLSCLTTPASAYEVHNVSGIYHVTNDCSNASIVYEAADLIMHTPGCVPCVREGNSSRCWV
ALTPTLAARNVTIPTTTIRRHVDLLVGAAAFCSAMYVGDLCGSVFLVSQLFTFSPRRHVTLQDCNCSIYPGHVSGHRMAW
DMMMNWSPTTALVVSQLLRIPQAVVDMVAGAHWGVLAGLAYYSMAGNWAKVLIVMLLFAGVDGDTHVTGGAQAKTTNRLV
SMFASGPSQKIQLINTNGSWHINRTALNCNDSLQTGFLAALFYTHSFNSSGCPERMAQCRTIDKFDQGWGPITYAESSRS
DQRPYCWHYPPPQCTIVPASEVCGPVYCFTPSPVVVGTTDRFGVPTYRWGENETDVLLLNNTRPPQGNWFGCTWMNSTGF
TKTCGGPPCNIGGVGNNTLTCPTDCFRKHPEATYTKCGSGPWLTPRCMVDYPYRLWHYPCTVNFTIFKVRMYVGGVEHRL
NAACNWTRGERCDLEDRDRPELSPLLLSTTEWQVLPCSFTTLPALSTGLIHLHQNIVDVQYLYGIGSAVVSFAIKWEYVL
LLFLLLADARVCACLWMMLLIAQAEAALENLVVLNSASVAGAHGILSFLVFFCAAWYIKGRLVPGATYALYGVWPLLLLL
LALPPRAYAMDREMAASCGGAVFVGLVLLTLSPYYKVFLARLIWWLQYFTTRAEADLHVWIPPLNARGGRDAIILLMCAV
HPELIFDITKLLIAILGPLMVLQAGITRVPYFVRAQGLIHACMLVRKVAGGHYVQMAFMKLGALTGTYIYNHLTPLRDWP
RAGLRDLAVAVEPVVFSDMETKIITWGADTAACGDIILGLPVSARRGKEILLGPADSLEGRGLRLLAPITAYSQQTRGLL
GCIITSLTGRDKNQVEGEVQVVSTATQSFLATCVNGVCWTVYHGAGSKTLAAPKGPITQMYTNVDQDLVGWPKPPGARSL
TPCTCGSSDLYLVTRHADVIPVRRRGDSRGSLLSPRPVSYLKGSSGGPLLCPFGHAVGIFRAAVCTRGVAKAVDFVPVES
METTMRSPVFTDNSSPPAVPQSFQVAHLHAPTGSGKSTKVPAAYAAQGYKVLVLNPSVAATLGFGAYMSKAHGIDPNIRT
GVRTITTGAPVTYSTYGKFLADGGCSGGAYDIIICDECHSTDSTTILGIGTVLDQAETAGARLVVLATATPPGSVTVPHP
NIEEVALSNTGEIPFYGKAIPIEAIRGGRHLIFCHSKKKCDELAAKLSGLGINAVAYYRGLDVSVIPTIGDVVVVATDAL
MTGYTGDFDSVIDCNTCVTQTVDFSLDPTFTIETTTVPQDAVSRSQRRGRTGRGRRGIYRFVTPGERPSGMFDSSVLCEC
YDAGCAWYELTPAETSVRLRAYLNTPGLPVCQDHLEFWESVFTGLTHIDAHFLSQTKQAGDNFPYLVAYQATVCARAQAP
PPSWDQMWKCLIRLKPTLHGPTPLLYRLGAVQNEVTLTHPITKYIMACMSADLEVVTSTWVLVGGVLAALAAYCLTTGSV
VIVGRIILSGRPAIVPDRELLYQEFDEMEECASHLPYIEQGMQLAEQFKQKALGLLQTATKQAEAAAPVVESKWRALETF
WAKHMWNFISGIQYLAGLSTLPGNPAIASLMAFTASITSPLTTQSTLLFNILGGWVAAQLAPPSAASAFVGAGIAGAAVG
SIGLGKVLVDILAGYGAGVAGALVAFKVMSGEMPSTEDLVNLLPAILSPGALVVGVVCAAILRRHVGPGEGAVQWMNRLI
AFASRGNHVSPTHYVPESDAAARVTQILSSLTITQLLKRLHQWINEDCSTPCSGSWLRDVWDWICTVLTDFKTWLQSKLL
PQLPGVPFFSCQRGYKGVWRGDGIMQTTCPCGAQITGHVKNGSMRIVGPKTCSNTWHGTFPINAYTTGPCTPSPAPNYSR
ALWRVAAEEYVEVTRVGDFHYVTGMTTDNVKCPCQVPAPEFFSEVDGVRLHRYAPACRPLLREEVTFQVGLNQYLVGSQL
PCEPEPDVAVLTSMLTDPSHITAETAKRRLARGSPPSLASSSASQLSAPSLKATCTTHHVSPDADLIEANLLWRQEMGGN
ITRVESENKVVVLDSFDPLRAEEDEREVSVPAEILRKSKKFPAAMPIWARPDYNPPLLESWKDPDYVPPVVHGCPLPPIK
APPIPPPRRKRTVVLTESSVSSALAELATKTFGSSESSAVDSGTATALPDQASDDGDKGSDVESYSSMPPLEGEPGDPDL
SDGSWSTVSEEASEDVVCCSMSYTWTGALITPCAAEESKLPINALSNSLLRHHNMVYATTSRSAGLRQKKVTFDRLQVLD
DHYRDVLKEMKAKASTVKAKLLSVEEACKLTPPHSAKSKFGYGAKDVRNLSSKAVNHIHSVWKDLLEDTVTPIDTTIMAK
NEVFCVQPEKGGRKPARLIVFPDLGVRVCEKMALYDVVSTLPQVVMGSSYGFQYSPGQRVEFLVNTWKSKKNPMGFSYDT
RCFDSTVTENDIRVEESIYQCCDLAPEARQAIKSLTERLYIGGPLTNSKGQNCGYRRCRASGVLTTSCGNTLTCYLKASA
ACRAAKLQDCTMLVNGDDLVVICESAGTQEDAASLRVFTEAMTRYSAPPGDPPQPEYDLELITSCSSNVSVAHDASGKRV
YYLTRDPTTPLARAAWETARHTPVNSWLGNIIMYAPTLWARMILMTHFFSILLAQEQLEKALDCQIYGACYSIEPLDLPQ
IIERLHGLSAFSLHSYSPGEINRVASCLRKLGVPPLRVWRHRARSVRARLLSQGGRAATCGKYLFNWAVKTKLKLTPIPA
ASRLDLSGWFVAGYSGGDIYHSLSRARPRWFMLCLLLLSVGVGIYLLPNR
;
_struct_ref.pdbx_db_isoform            ? 
# 
loop_
_struct_ref_seq.align_id 
_struct_ref_seq.ref_id 
_struct_ref_seq.pdbx_PDB_id_code 
_struct_ref_seq.pdbx_strand_id 
_struct_ref_seq.seq_align_beg 
_struct_ref_seq.pdbx_seq_align_beg_ins_code 
_struct_ref_seq.seq_align_end 
_struct_ref_seq.pdbx_seq_align_end_ins_code 
_struct_ref_seq.pdbx_db_accession 
_struct_ref_seq.db_align_beg 
_struct_ref_seq.pdbx_db_align_beg_ins_code 
_struct_ref_seq.db_align_end 
_struct_ref_seq.pdbx_db_align_end_ins_code 
_struct_ref_seq.pdbx_auth_seq_align_beg 
_struct_ref_seq.pdbx_auth_seq_align_end 
1 1 1A1Q A 1 ? 189 ? P26663 1027 ? 1215 ? 1 189 
2 1 1A1Q B 1 ? 189 ? P26663 1027 ? 1215 ? 1 189 
3 1 1A1Q C 1 ? 189 ? P26663 1027 ? 1215 ? 1 189 
# 
loop_
_struct_ref_seq_dif.align_id 
_struct_ref_seq_dif.pdbx_pdb_id_code 
_struct_ref_seq_dif.mon_id 
_struct_ref_seq_dif.pdbx_pdb_strand_id 
_struct_ref_seq_dif.seq_num 
_struct_ref_seq_dif.pdbx_pdb_ins_code 
_struct_ref_seq_dif.pdbx_seq_db_name 
_struct_ref_seq_dif.pdbx_seq_db_accession_code 
_struct_ref_seq_dif.db_mon_id 
_struct_ref_seq_dif.pdbx_seq_db_seq_num 
_struct_ref_seq_dif.details 
_struct_ref_seq_dif.pdbx_auth_seq_num 
_struct_ref_seq_dif.pdbx_ordinal 
1 1A1Q GLY A 66  ? UNP P26663 ALA 1092 conflict 66  1  
1 1A1Q GLN A 86  ? UNP P26663 PRO 1112 conflict 86  2  
1 1A1Q ALA A 87  ? UNP P26663 LYS 1113 conflict 87  3  
1 1A1Q SER A 147 ? UNP P26663 PHE 1173 conflict 147 4  
2 1A1Q GLY B 66  ? UNP P26663 ALA 1092 conflict 66  5  
2 1A1Q GLN B 86  ? UNP P26663 PRO 1112 conflict 86  6  
2 1A1Q ALA B 87  ? UNP P26663 LYS 1113 conflict 87  7  
2 1A1Q SER B 147 ? UNP P26663 PHE 1173 conflict 147 8  
3 1A1Q GLY C 66  ? UNP P26663 ALA 1092 conflict 66  9  
3 1A1Q GLN C 86  ? UNP P26663 PRO 1112 conflict 86  10 
3 1A1Q ALA C 87  ? UNP P26663 LYS 1113 conflict 87  11 
3 1A1Q SER C 147 ? UNP P26663 PHE 1173 conflict 147 12 
# 
loop_
_pdbx_struct_assembly.id 
_pdbx_struct_assembly.details 
_pdbx_struct_assembly.method_details 
_pdbx_struct_assembly.oligomeric_details 
_pdbx_struct_assembly.oligomeric_count 
1 author_defined_assembly ? monomeric 1 
2 author_defined_assembly ? monomeric 1 
3 author_defined_assembly ? monomeric 1 
# 
loop_
_pdbx_struct_assembly_gen.assembly_id 
_pdbx_struct_assembly_gen.oper_expression 
_pdbx_struct_assembly_gen.asym_id_list 
1 1 A,D 
2 1 B,E 
3 1 C,F 
# 
_pdbx_struct_oper_list.id                   1 
_pdbx_struct_oper_list.type                 'identity operation' 
_pdbx_struct_oper_list.name                 1_555 
_pdbx_struct_oper_list.symmetry_operation   x,y,z 
_pdbx_struct_oper_list.matrix[1][1]         1.0000000000 
_pdbx_struct_oper_list.matrix[1][2]         0.0000000000 
_pdbx_struct_oper_list.matrix[1][3]         0.0000000000 
_pdbx_struct_oper_list.vector[1]            0.0000000000 
_pdbx_struct_oper_list.matrix[2][1]         0.0000000000 
_pdbx_struct_oper_list.matrix[2][2]         1.0000000000 
_pdbx_struct_oper_list.matrix[2][3]         0.0000000000 
_pdbx_struct_oper_list.vector[2]            0.0000000000 
_pdbx_struct_oper_list.matrix[3][1]         0.0000000000 
_pdbx_struct_oper_list.matrix[3][2]         0.0000000000 
_pdbx_struct_oper_list.matrix[3][3]         1.0000000000 
_pdbx_struct_oper_list.vector[3]            0.0000000000 
# 
loop_
_struct_biol.id 
1 
2 
3 
# 
_struct_site.id                   AC1 
_struct_site.pdbx_evidence_code   Software 
_struct_site.pdbx_auth_asym_id    C 
_struct_site.pdbx_auth_comp_id    ZN 
_struct_site.pdbx_auth_seq_id     901 
_struct_site.pdbx_auth_ins_code   ? 
_struct_site.pdbx_num_residues    1 
_struct_site.details              'BINDING SITE FOR RESIDUE ZN C 901' 
# 
_struct_site_gen.id                   1 
_struct_site_gen.site_id              AC1 
_struct_site_gen.pdbx_num_res         1 
_struct_site_gen.label_comp_id        CYS 
_struct_site_gen.label_asym_id        C 
_struct_site_gen.label_seq_id         97 
_struct_site_gen.pdbx_auth_ins_code   ? 
_struct_site_gen.auth_comp_id         CYS 
_struct_site_gen.auth_asym_id         C 
_struct_site_gen.auth_seq_id          97 
_struct_site_gen.label_atom_id        . 
_struct_site_gen.label_alt_id         ? 
_struct_site_gen.symmetry             1_555 
_struct_site_gen.details              ? 
# 
loop_
_pdbx_unobs_or_zero_occ_residues.id 
_pdbx_unobs_or_zero_occ_residues.PDB_model_num 
_pdbx_unobs_or_zero_occ_residues.polymer_flag 
_pdbx_unobs_or_zero_occ_residues.occupancy_flag 
_pdbx_unobs_or_zero_occ_residues.auth_asym_id 
_pdbx_unobs_or_zero_occ_residues.auth_comp_id 
_pdbx_unobs_or_zero_occ_residues.auth_seq_id 
_pdbx_unobs_or_zero_occ_residues.PDB_ins_code 
_pdbx_unobs_or_zero_occ_residues.label_asym_id 
_pdbx_unobs_or_zero_occ_residues.label_comp_id 
_pdbx_unobs_or_zero_occ_residues.label_seq_id 
1  1 Y 1 A ALA 1   ? A ALA 1   
2  1 Y 1 A THR 185 ? A THR 185 
3  1 Y 1 A ASP 186 ? A ASP 186 
4  1 Y 1 A ASN 187 ? A ASN 187 
5  1 Y 1 A SER 188 ? A SER 188 
6  1 Y 1 A SER 189 ? A SER 189 
7  1 Y 1 B ALA 1   ? B ALA 1   
8  1 Y 1 B GLN 9   ? B GLN 9   
9  1 Y 1 B THR 10  ? B THR 10  
10 1 Y 1 B ARG 11  ? B ARG 11  
11 1 Y 1 B GLY 23  ? B GLY 23  
12 1 Y 1 B ARG 24  ? B ARG 24  
13 1 Y 1 B ASP 25  ? B ASP 25  
14 1 Y 1 B LYS 26  ? B LYS 26  
15 1 Y 1 B ASN 27  ? B ASN 27  
16 1 Y 1 B ARG 180 ? B ARG 180 
17 1 Y 1 B SER 181 ? B SER 181 
18 1 Y 1 B PRO 182 ? B PRO 182 
19 1 Y 1 B VAL 183 ? B VAL 183 
20 1 Y 1 B PHE 184 ? B PHE 184 
21 1 Y 1 B THR 185 ? B THR 185 
22 1 Y 1 B ASP 186 ? B ASP 186 
23 1 Y 1 B ASN 187 ? B ASN 187 
24 1 Y 1 B SER 188 ? B SER 188 
25 1 Y 1 B SER 189 ? B SER 189 
26 1 Y 1 C ALA 1   ? C ALA 1   
27 1 Y 1 C ARG 180 ? C ARG 180 
28 1 Y 1 C SER 181 ? C SER 181 
29 1 Y 1 C PRO 182 ? C PRO 182 
30 1 Y 1 C VAL 183 ? C VAL 183 
31 1 Y 1 C PHE 184 ? C PHE 184 
32 1 Y 1 C THR 185 ? C THR 185 
33 1 Y 1 C ASP 186 ? C ASP 186 
34 1 Y 1 C ASN 187 ? C ASN 187 
35 1 Y 1 C SER 188 ? C SER 188 
36 1 Y 1 C SER 189 ? C SER 189 
# 
loop_
_chem_comp_atom.comp_id 
_chem_comp_atom.atom_id 
_chem_comp_atom.type_symbol 
_chem_comp_atom.pdbx_aromatic_flag 
_chem_comp_atom.pdbx_stereo_config 
_chem_comp_atom.pdbx_ordinal 
ALA N    N  N N 1   
ALA CA   C  N S 2   
ALA C    C  N N 3   
ALA O    O  N N 4   
ALA CB   C  N N 5   
ALA OXT  O  N N 6   
ALA H    H  N N 7   
ALA H2   H  N N 8   
ALA HA   H  N N 9   
ALA HB1  H  N N 10  
ALA HB2  H  N N 11  
ALA HB3  H  N N 12  
ALA HXT  H  N N 13  
ARG N    N  N N 14  
ARG CA   C  N S 15  
ARG C    C  N N 16  
ARG O    O  N N 17  
ARG CB   C  N N 18  
ARG CG   C  N N 19  
ARG CD   C  N N 20  
ARG NE   N  N N 21  
ARG CZ   C  N N 22  
ARG NH1  N  N N 23  
ARG NH2  N  N N 24  
ARG OXT  O  N N 25  
ARG H    H  N N 26  
ARG H2   H  N N 27  
ARG HA   H  N N 28  
ARG HB2  H  N N 29  
ARG HB3  H  N N 30  
ARG HG2  H  N N 31  
ARG HG3  H  N N 32  
ARG HD2  H  N N 33  
ARG HD3  H  N N 34  
ARG HE   H  N N 35  
ARG HH11 H  N N 36  
ARG HH12 H  N N 37  
ARG HH21 H  N N 38  
ARG HH22 H  N N 39  
ARG HXT  H  N N 40  
ASN N    N  N N 41  
ASN CA   C  N S 42  
ASN C    C  N N 43  
ASN O    O  N N 44  
ASN CB   C  N N 45  
ASN CG   C  N N 46  
ASN OD1  O  N N 47  
ASN ND2  N  N N 48  
ASN OXT  O  N N 49  
ASN H    H  N N 50  
ASN H2   H  N N 51  
ASN HA   H  N N 52  
ASN HB2  H  N N 53  
ASN HB3  H  N N 54  
ASN HD21 H  N N 55  
ASN HD22 H  N N 56  
ASN HXT  H  N N 57  
ASP N    N  N N 58  
ASP CA   C  N S 59  
ASP C    C  N N 60  
ASP O    O  N N 61  
ASP CB   C  N N 62  
ASP CG   C  N N 63  
ASP OD1  O  N N 64  
ASP OD2  O  N N 65  
ASP OXT  O  N N 66  
ASP H    H  N N 67  
ASP H2   H  N N 68  
ASP HA   H  N N 69  
ASP HB2  H  N N 70  
ASP HB3  H  N N 71  
ASP HD2  H  N N 72  
ASP HXT  H  N N 73  
CYS N    N  N N 74  
CYS CA   C  N R 75  
CYS C    C  N N 76  
CYS O    O  N N 77  
CYS CB   C  N N 78  
CYS SG   S  N N 79  
CYS OXT  O  N N 80  
CYS H    H  N N 81  
CYS H2   H  N N 82  
CYS HA   H  N N 83  
CYS HB2  H  N N 84  
CYS HB3  H  N N 85  
CYS HG   H  N N 86  
CYS HXT  H  N N 87  
GLN N    N  N N 88  
GLN CA   C  N S 89  
GLN C    C  N N 90  
GLN O    O  N N 91  
GLN CB   C  N N 92  
GLN CG   C  N N 93  
GLN CD   C  N N 94  
GLN OE1  O  N N 95  
GLN NE2  N  N N 96  
GLN OXT  O  N N 97  
GLN H    H  N N 98  
GLN H2   H  N N 99  
GLN HA   H  N N 100 
GLN HB2  H  N N 101 
GLN HB3  H  N N 102 
GLN HG2  H  N N 103 
GLN HG3  H  N N 104 
GLN HE21 H  N N 105 
GLN HE22 H  N N 106 
GLN HXT  H  N N 107 
GLU N    N  N N 108 
GLU CA   C  N S 109 
GLU C    C  N N 110 
GLU O    O  N N 111 
GLU CB   C  N N 112 
GLU CG   C  N N 113 
GLU CD   C  N N 114 
GLU OE1  O  N N 115 
GLU OE2  O  N N 116 
GLU OXT  O  N N 117 
GLU H    H  N N 118 
GLU H2   H  N N 119 
GLU HA   H  N N 120 
GLU HB2  H  N N 121 
GLU HB3  H  N N 122 
GLU HG2  H  N N 123 
GLU HG3  H  N N 124 
GLU HE2  H  N N 125 
GLU HXT  H  N N 126 
GLY N    N  N N 127 
GLY CA   C  N N 128 
GLY C    C  N N 129 
GLY O    O  N N 130 
GLY OXT  O  N N 131 
GLY H    H  N N 132 
GLY H2   H  N N 133 
GLY HA2  H  N N 134 
GLY HA3  H  N N 135 
GLY HXT  H  N N 136 
HIS N    N  N N 137 
HIS CA   C  N S 138 
HIS C    C  N N 139 
HIS O    O  N N 140 
HIS CB   C  N N 141 
HIS CG   C  Y N 142 
HIS ND1  N  Y N 143 
HIS CD2  C  Y N 144 
HIS CE1  C  Y N 145 
HIS NE2  N  Y N 146 
HIS OXT  O  N N 147 
HIS H    H  N N 148 
HIS H2   H  N N 149 
HIS HA   H  N N 150 
HIS HB2  H  N N 151 
HIS HB3  H  N N 152 
HIS HD1  H  N N 153 
HIS HD2  H  N N 154 
HIS HE1  H  N N 155 
HIS HE2  H  N N 156 
HIS HXT  H  N N 157 
ILE N    N  N N 158 
ILE CA   C  N S 159 
ILE C    C  N N 160 
ILE O    O  N N 161 
ILE CB   C  N S 162 
ILE CG1  C  N N 163 
ILE CG2  C  N N 164 
ILE CD1  C  N N 165 
ILE OXT  O  N N 166 
ILE H    H  N N 167 
ILE H2   H  N N 168 
ILE HA   H  N N 169 
ILE HB   H  N N 170 
ILE HG12 H  N N 171 
ILE HG13 H  N N 172 
ILE HG21 H  N N 173 
ILE HG22 H  N N 174 
ILE HG23 H  N N 175 
ILE HD11 H  N N 176 
ILE HD12 H  N N 177 
ILE HD13 H  N N 178 
ILE HXT  H  N N 179 
LEU N    N  N N 180 
LEU CA   C  N S 181 
LEU C    C  N N 182 
LEU O    O  N N 183 
LEU CB   C  N N 184 
LEU CG   C  N N 185 
LEU CD1  C  N N 186 
LEU CD2  C  N N 187 
LEU OXT  O  N N 188 
LEU H    H  N N 189 
LEU H2   H  N N 190 
LEU HA   H  N N 191 
LEU HB2  H  N N 192 
LEU HB3  H  N N 193 
LEU HG   H  N N 194 
LEU HD11 H  N N 195 
LEU HD12 H  N N 196 
LEU HD13 H  N N 197 
LEU HD21 H  N N 198 
LEU HD22 H  N N 199 
LEU HD23 H  N N 200 
LEU HXT  H  N N 201 
LYS N    N  N N 202 
LYS CA   C  N S 203 
LYS C    C  N N 204 
LYS O    O  N N 205 
LYS CB   C  N N 206 
LYS CG   C  N N 207 
LYS CD   C  N N 208 
LYS CE   C  N N 209 
LYS NZ   N  N N 210 
LYS OXT  O  N N 211 
LYS H    H  N N 212 
LYS H2   H  N N 213 
LYS HA   H  N N 214 
LYS HB2  H  N N 215 
LYS HB3  H  N N 216 
LYS HG2  H  N N 217 
LYS HG3  H  N N 218 
LYS HD2  H  N N 219 
LYS HD3  H  N N 220 
LYS HE2  H  N N 221 
LYS HE3  H  N N 222 
LYS HZ1  H  N N 223 
LYS HZ2  H  N N 224 
LYS HZ3  H  N N 225 
LYS HXT  H  N N 226 
MET N    N  N N 227 
MET CA   C  N S 228 
MET C    C  N N 229 
MET O    O  N N 230 
MET CB   C  N N 231 
MET CG   C  N N 232 
MET SD   S  N N 233 
MET CE   C  N N 234 
MET OXT  O  N N 235 
MET H    H  N N 236 
MET H2   H  N N 237 
MET HA   H  N N 238 
MET HB2  H  N N 239 
MET HB3  H  N N 240 
MET HG2  H  N N 241 
MET HG3  H  N N 242 
MET HE1  H  N N 243 
MET HE2  H  N N 244 
MET HE3  H  N N 245 
MET HXT  H  N N 246 
PHE N    N  N N 247 
PHE CA   C  N S 248 
PHE C    C  N N 249 
PHE O    O  N N 250 
PHE CB   C  N N 251 
PHE CG   C  Y N 252 
PHE CD1  C  Y N 253 
PHE CD2  C  Y N 254 
PHE CE1  C  Y N 255 
PHE CE2  C  Y N 256 
PHE CZ   C  Y N 257 
PHE OXT  O  N N 258 
PHE H    H  N N 259 
PHE H2   H  N N 260 
PHE HA   H  N N 261 
PHE HB2  H  N N 262 
PHE HB3  H  N N 263 
PHE HD1  H  N N 264 
PHE HD2  H  N N 265 
PHE HE1  H  N N 266 
PHE HE2  H  N N 267 
PHE HZ   H  N N 268 
PHE HXT  H  N N 269 
PRO N    N  N N 270 
PRO CA   C  N S 271 
PRO C    C  N N 272 
PRO O    O  N N 273 
PRO CB   C  N N 274 
PRO CG   C  N N 275 
PRO CD   C  N N 276 
PRO OXT  O  N N 277 
PRO H    H  N N 278 
PRO HA   H  N N 279 
PRO HB2  H  N N 280 
PRO HB3  H  N N 281 
PRO HG2  H  N N 282 
PRO HG3  H  N N 283 
PRO HD2  H  N N 284 
PRO HD3  H  N N 285 
PRO HXT  H  N N 286 
SER N    N  N N 287 
SER CA   C  N S 288 
SER C    C  N N 289 
SER O    O  N N 290 
SER CB   C  N N 291 
SER OG   O  N N 292 
SER OXT  O  N N 293 
SER H    H  N N 294 
SER H2   H  N N 295 
SER HA   H  N N 296 
SER HB2  H  N N 297 
SER HB3  H  N N 298 
SER HG   H  N N 299 
SER HXT  H  N N 300 
THR N    N  N N 301 
THR CA   C  N S 302 
THR C    C  N N 303 
THR O    O  N N 304 
THR CB   C  N R 305 
THR OG1  O  N N 306 
THR CG2  C  N N 307 
THR OXT  O  N N 308 
THR H    H  N N 309 
THR H2   H  N N 310 
THR HA   H  N N 311 
THR HB   H  N N 312 
THR HG1  H  N N 313 
THR HG21 H  N N 314 
THR HG22 H  N N 315 
THR HG23 H  N N 316 
THR HXT  H  N N 317 
TRP N    N  N N 318 
TRP CA   C  N S 319 
TRP C    C  N N 320 
TRP O    O  N N 321 
TRP CB   C  N N 322 
TRP CG   C  Y N 323 
TRP CD1  C  Y N 324 
TRP CD2  C  Y N 325 
TRP NE1  N  Y N 326 
TRP CE2  C  Y N 327 
TRP CE3  C  Y N 328 
TRP CZ2  C  Y N 329 
TRP CZ3  C  Y N 330 
TRP CH2  C  Y N 331 
TRP OXT  O  N N 332 
TRP H    H  N N 333 
TRP H2   H  N N 334 
TRP HA   H  N N 335 
TRP HB2  H  N N 336 
TRP HB3  H  N N 337 
TRP HD1  H  N N 338 
TRP HE1  H  N N 339 
TRP HE3  H  N N 340 
TRP HZ2  H  N N 341 
TRP HZ3  H  N N 342 
TRP HH2  H  N N 343 
TRP HXT  H  N N 344 
TYR N    N  N N 345 
TYR CA   C  N S 346 
TYR C    C  N N 347 
TYR O    O  N N 348 
TYR CB   C  N N 349 
TYR CG   C  Y N 350 
TYR CD1  C  Y N 351 
TYR CD2  C  Y N 352 
TYR CE1  C  Y N 353 
TYR CE2  C  Y N 354 
TYR CZ   C  Y N 355 
TYR OH   O  N N 356 
TYR OXT  O  N N 357 
TYR H    H  N N 358 
TYR H2   H  N N 359 
TYR HA   H  N N 360 
TYR HB2  H  N N 361 
TYR HB3  H  N N 362 
TYR HD1  H  N N 363 
TYR HD2  H  N N 364 
TYR HE1  H  N N 365 
TYR HE2  H  N N 366 
TYR HH   H  N N 367 
TYR HXT  H  N N 368 
VAL N    N  N N 369 
VAL CA   C  N S 370 
VAL C    C  N N 371 
VAL O    O  N N 372 
VAL CB   C  N N 373 
VAL CG1  C  N N 374 
VAL CG2  C  N N 375 
VAL OXT  O  N N 376 
VAL H    H  N N 377 
VAL H2   H  N N 378 
VAL HA   H  N N 379 
VAL HB   H  N N 380 
VAL HG11 H  N N 381 
VAL HG12 H  N N 382 
VAL HG13 H  N N 383 
VAL HG21 H  N N 384 
VAL HG22 H  N N 385 
VAL HG23 H  N N 386 
VAL HXT  H  N N 387 
ZN  ZN   ZN N N 388 
# 
loop_
_chem_comp_bond.comp_id 
_chem_comp_bond.atom_id_1 
_chem_comp_bond.atom_id_2 
_chem_comp_bond.value_order 
_chem_comp_bond.pdbx_aromatic_flag 
_chem_comp_bond.pdbx_stereo_config 
_chem_comp_bond.pdbx_ordinal 
ALA N   CA   sing N N 1   
ALA N   H    sing N N 2   
ALA N   H2   sing N N 3   
ALA CA  C    sing N N 4   
ALA CA  CB   sing N N 5   
ALA CA  HA   sing N N 6   
ALA C   O    doub N N 7   
ALA C   OXT  sing N N 8   
ALA CB  HB1  sing N N 9   
ALA CB  HB2  sing N N 10  
ALA CB  HB3  sing N N 11  
ALA OXT HXT  sing N N 12  
ARG N   CA   sing N N 13  
ARG N   H    sing N N 14  
ARG N   H2   sing N N 15  
ARG CA  C    sing N N 16  
ARG CA  CB   sing N N 17  
ARG CA  HA   sing N N 18  
ARG C   O    doub N N 19  
ARG C   OXT  sing N N 20  
ARG CB  CG   sing N N 21  
ARG CB  HB2  sing N N 22  
ARG CB  HB3  sing N N 23  
ARG CG  CD   sing N N 24  
ARG CG  HG2  sing N N 25  
ARG CG  HG3  sing N N 26  
ARG CD  NE   sing N N 27  
ARG CD  HD2  sing N N 28  
ARG CD  HD3  sing N N 29  
ARG NE  CZ   sing N N 30  
ARG NE  HE   sing N N 31  
ARG CZ  NH1  sing N N 32  
ARG CZ  NH2  doub N N 33  
ARG NH1 HH11 sing N N 34  
ARG NH1 HH12 sing N N 35  
ARG NH2 HH21 sing N N 36  
ARG NH2 HH22 sing N N 37  
ARG OXT HXT  sing N N 38  
ASN N   CA   sing N N 39  
ASN N   H    sing N N 40  
ASN N   H2   sing N N 41  
ASN CA  C    sing N N 42  
ASN CA  CB   sing N N 43  
ASN CA  HA   sing N N 44  
ASN C   O    doub N N 45  
ASN C   OXT  sing N N 46  
ASN CB  CG   sing N N 47  
ASN CB  HB2  sing N N 48  
ASN CB  HB3  sing N N 49  
ASN CG  OD1  doub N N 50  
ASN CG  ND2  sing N N 51  
ASN ND2 HD21 sing N N 52  
ASN ND2 HD22 sing N N 53  
ASN OXT HXT  sing N N 54  
ASP N   CA   sing N N 55  
ASP N   H    sing N N 56  
ASP N   H2   sing N N 57  
ASP CA  C    sing N N 58  
ASP CA  CB   sing N N 59  
ASP CA  HA   sing N N 60  
ASP C   O    doub N N 61  
ASP C   OXT  sing N N 62  
ASP CB  CG   sing N N 63  
ASP CB  HB2  sing N N 64  
ASP CB  HB3  sing N N 65  
ASP CG  OD1  doub N N 66  
ASP CG  OD2  sing N N 67  
ASP OD2 HD2  sing N N 68  
ASP OXT HXT  sing N N 69  
CYS N   CA   sing N N 70  
CYS N   H    sing N N 71  
CYS N   H2   sing N N 72  
CYS CA  C    sing N N 73  
CYS CA  CB   sing N N 74  
CYS CA  HA   sing N N 75  
CYS C   O    doub N N 76  
CYS C   OXT  sing N N 77  
CYS CB  SG   sing N N 78  
CYS CB  HB2  sing N N 79  
CYS CB  HB3  sing N N 80  
CYS SG  HG   sing N N 81  
CYS OXT HXT  sing N N 82  
GLN N   CA   sing N N 83  
GLN N   H    sing N N 84  
GLN N   H2   sing N N 85  
GLN CA  C    sing N N 86  
GLN CA  CB   sing N N 87  
GLN CA  HA   sing N N 88  
GLN C   O    doub N N 89  
GLN C   OXT  sing N N 90  
GLN CB  CG   sing N N 91  
GLN CB  HB2  sing N N 92  
GLN CB  HB3  sing N N 93  
GLN CG  CD   sing N N 94  
GLN CG  HG2  sing N N 95  
GLN CG  HG3  sing N N 96  
GLN CD  OE1  doub N N 97  
GLN CD  NE2  sing N N 98  
GLN NE2 HE21 sing N N 99  
GLN NE2 HE22 sing N N 100 
GLN OXT HXT  sing N N 101 
GLU N   CA   sing N N 102 
GLU N   H    sing N N 103 
GLU N   H2   sing N N 104 
GLU CA  C    sing N N 105 
GLU CA  CB   sing N N 106 
GLU CA  HA   sing N N 107 
GLU C   O    doub N N 108 
GLU C   OXT  sing N N 109 
GLU CB  CG   sing N N 110 
GLU CB  HB2  sing N N 111 
GLU CB  HB3  sing N N 112 
GLU CG  CD   sing N N 113 
GLU CG  HG2  sing N N 114 
GLU CG  HG3  sing N N 115 
GLU CD  OE1  doub N N 116 
GLU CD  OE2  sing N N 117 
GLU OE2 HE2  sing N N 118 
GLU OXT HXT  sing N N 119 
GLY N   CA   sing N N 120 
GLY N   H    sing N N 121 
GLY N   H2   sing N N 122 
GLY CA  C    sing N N 123 
GLY CA  HA2  sing N N 124 
GLY CA  HA3  sing N N 125 
GLY C   O    doub N N 126 
GLY C   OXT  sing N N 127 
GLY OXT HXT  sing N N 128 
HIS N   CA   sing N N 129 
HIS N   H    sing N N 130 
HIS N   H2   sing N N 131 
HIS CA  C    sing N N 132 
HIS CA  CB   sing N N 133 
HIS CA  HA   sing N N 134 
HIS C   O    doub N N 135 
HIS C   OXT  sing N N 136 
HIS CB  CG   sing N N 137 
HIS CB  HB2  sing N N 138 
HIS CB  HB3  sing N N 139 
HIS CG  ND1  sing Y N 140 
HIS CG  CD2  doub Y N 141 
HIS ND1 CE1  doub Y N 142 
HIS ND1 HD1  sing N N 143 
HIS CD2 NE2  sing Y N 144 
HIS CD2 HD2  sing N N 145 
HIS CE1 NE2  sing Y N 146 
HIS CE1 HE1  sing N N 147 
HIS NE2 HE2  sing N N 148 
HIS OXT HXT  sing N N 149 
ILE N   CA   sing N N 150 
ILE N   H    sing N N 151 
ILE N   H2   sing N N 152 
ILE CA  C    sing N N 153 
ILE CA  CB   sing N N 154 
ILE CA  HA   sing N N 155 
ILE C   O    doub N N 156 
ILE C   OXT  sing N N 157 
ILE CB  CG1  sing N N 158 
ILE CB  CG2  sing N N 159 
ILE CB  HB   sing N N 160 
ILE CG1 CD1  sing N N 161 
ILE CG1 HG12 sing N N 162 
ILE CG1 HG13 sing N N 163 
ILE CG2 HG21 sing N N 164 
ILE CG2 HG22 sing N N 165 
ILE CG2 HG23 sing N N 166 
ILE CD1 HD11 sing N N 167 
ILE CD1 HD12 sing N N 168 
ILE CD1 HD13 sing N N 169 
ILE OXT HXT  sing N N 170 
LEU N   CA   sing N N 171 
LEU N   H    sing N N 172 
LEU N   H2   sing N N 173 
LEU CA  C    sing N N 174 
LEU CA  CB   sing N N 175 
LEU CA  HA   sing N N 176 
LEU C   O    doub N N 177 
LEU C   OXT  sing N N 178 
LEU CB  CG   sing N N 179 
LEU CB  HB2  sing N N 180 
LEU CB  HB3  sing N N 181 
LEU CG  CD1  sing N N 182 
LEU CG  CD2  sing N N 183 
LEU CG  HG   sing N N 184 
LEU CD1 HD11 sing N N 185 
LEU CD1 HD12 sing N N 186 
LEU CD1 HD13 sing N N 187 
LEU CD2 HD21 sing N N 188 
LEU CD2 HD22 sing N N 189 
LEU CD2 HD23 sing N N 190 
LEU OXT HXT  sing N N 191 
LYS N   CA   sing N N 192 
LYS N   H    sing N N 193 
LYS N   H2   sing N N 194 
LYS CA  C    sing N N 195 
LYS CA  CB   sing N N 196 
LYS CA  HA   sing N N 197 
LYS C   O    doub N N 198 
LYS C   OXT  sing N N 199 
LYS CB  CG   sing N N 200 
LYS CB  HB2  sing N N 201 
LYS CB  HB3  sing N N 202 
LYS CG  CD   sing N N 203 
LYS CG  HG2  sing N N 204 
LYS CG  HG3  sing N N 205 
LYS CD  CE   sing N N 206 
LYS CD  HD2  sing N N 207 
LYS CD  HD3  sing N N 208 
LYS CE  NZ   sing N N 209 
LYS CE  HE2  sing N N 210 
LYS CE  HE3  sing N N 211 
LYS NZ  HZ1  sing N N 212 
LYS NZ  HZ2  sing N N 213 
LYS NZ  HZ3  sing N N 214 
LYS OXT HXT  sing N N 215 
MET N   CA   sing N N 216 
MET N   H    sing N N 217 
MET N   H2   sing N N 218 
MET CA  C    sing N N 219 
MET CA  CB   sing N N 220 
MET CA  HA   sing N N 221 
MET C   O    doub N N 222 
MET C   OXT  sing N N 223 
MET CB  CG   sing N N 224 
MET CB  HB2  sing N N 225 
MET CB  HB3  sing N N 226 
MET CG  SD   sing N N 227 
MET CG  HG2  sing N N 228 
MET CG  HG3  sing N N 229 
MET SD  CE   sing N N 230 
MET CE  HE1  sing N N 231 
MET CE  HE2  sing N N 232 
MET CE  HE3  sing N N 233 
MET OXT HXT  sing N N 234 
PHE N   CA   sing N N 235 
PHE N   H    sing N N 236 
PHE N   H2   sing N N 237 
PHE CA  C    sing N N 238 
PHE CA  CB   sing N N 239 
PHE CA  HA   sing N N 240 
PHE C   O    doub N N 241 
PHE C   OXT  sing N N 242 
PHE CB  CG   sing N N 243 
PHE CB  HB2  sing N N 244 
PHE CB  HB3  sing N N 245 
PHE CG  CD1  doub Y N 246 
PHE CG  CD2  sing Y N 247 
PHE CD1 CE1  sing Y N 248 
PHE CD1 HD1  sing N N 249 
PHE CD2 CE2  doub Y N 250 
PHE CD2 HD2  sing N N 251 
PHE CE1 CZ   doub Y N 252 
PHE CE1 HE1  sing N N 253 
PHE CE2 CZ   sing Y N 254 
PHE CE2 HE2  sing N N 255 
PHE CZ  HZ   sing N N 256 
PHE OXT HXT  sing N N 257 
PRO N   CA   sing N N 258 
PRO N   CD   sing N N 259 
PRO N   H    sing N N 260 
PRO CA  C    sing N N 261 
PRO CA  CB   sing N N 262 
PRO CA  HA   sing N N 263 
PRO C   O    doub N N 264 
PRO C   OXT  sing N N 265 
PRO CB  CG   sing N N 266 
PRO CB  HB2  sing N N 267 
PRO CB  HB3  sing N N 268 
PRO CG  CD   sing N N 269 
PRO CG  HG2  sing N N 270 
PRO CG  HG3  sing N N 271 
PRO CD  HD2  sing N N 272 
PRO CD  HD3  sing N N 273 
PRO OXT HXT  sing N N 274 
SER N   CA   sing N N 275 
SER N   H    sing N N 276 
SER N   H2   sing N N 277 
SER CA  C    sing N N 278 
SER CA  CB   sing N N 279 
SER CA  HA   sing N N 280 
SER C   O    doub N N 281 
SER C   OXT  sing N N 282 
SER CB  OG   sing N N 283 
SER CB  HB2  sing N N 284 
SER CB  HB3  sing N N 285 
SER OG  HG   sing N N 286 
SER OXT HXT  sing N N 287 
THR N   CA   sing N N 288 
THR N   H    sing N N 289 
THR N   H2   sing N N 290 
THR CA  C    sing N N 291 
THR CA  CB   sing N N 292 
THR CA  HA   sing N N 293 
THR C   O    doub N N 294 
THR C   OXT  sing N N 295 
THR CB  OG1  sing N N 296 
THR CB  CG2  sing N N 297 
THR CB  HB   sing N N 298 
THR OG1 HG1  sing N N 299 
THR CG2 HG21 sing N N 300 
THR CG2 HG22 sing N N 301 
THR CG2 HG23 sing N N 302 
THR OXT HXT  sing N N 303 
TRP N   CA   sing N N 304 
TRP N   H    sing N N 305 
TRP N   H2   sing N N 306 
TRP CA  C    sing N N 307 
TRP CA  CB   sing N N 308 
TRP CA  HA   sing N N 309 
TRP C   O    doub N N 310 
TRP C   OXT  sing N N 311 
TRP CB  CG   sing N N 312 
TRP CB  HB2  sing N N 313 
TRP CB  HB3  sing N N 314 
TRP CG  CD1  doub Y N 315 
TRP CG  CD2  sing Y N 316 
TRP CD1 NE1  sing Y N 317 
TRP CD1 HD1  sing N N 318 
TRP CD2 CE2  doub Y N 319 
TRP CD2 CE3  sing Y N 320 
TRP NE1 CE2  sing Y N 321 
TRP NE1 HE1  sing N N 322 
TRP CE2 CZ2  sing Y N 323 
TRP CE3 CZ3  doub Y N 324 
TRP CE3 HE3  sing N N 325 
TRP CZ2 CH2  doub Y N 326 
TRP CZ2 HZ2  sing N N 327 
TRP CZ3 CH2  sing Y N 328 
TRP CZ3 HZ3  sing N N 329 
TRP CH2 HH2  sing N N 330 
TRP OXT HXT  sing N N 331 
TYR N   CA   sing N N 332 
TYR N   H    sing N N 333 
TYR N   H2   sing N N 334 
TYR CA  C    sing N N 335 
TYR CA  CB   sing N N 336 
TYR CA  HA   sing N N 337 
TYR C   O    doub N N 338 
TYR C   OXT  sing N N 339 
TYR CB  CG   sing N N 340 
TYR CB  HB2  sing N N 341 
TYR CB  HB3  sing N N 342 
TYR CG  CD1  doub Y N 343 
TYR CG  CD2  sing Y N 344 
TYR CD1 CE1  sing Y N 345 
TYR CD1 HD1  sing N N 346 
TYR CD2 CE2  doub Y N 347 
TYR CD2 HD2  sing N N 348 
TYR CE1 CZ   doub Y N 349 
TYR CE1 HE1  sing N N 350 
TYR CE2 CZ   sing Y N 351 
TYR CE2 HE2  sing N N 352 
TYR CZ  OH   sing N N 353 
TYR OH  HH   sing N N 354 
TYR OXT HXT  sing N N 355 
VAL N   CA   sing N N 356 
VAL N   H    sing N N 357 
VAL N   H2   sing N N 358 
VAL CA  C    sing N N 359 
VAL CA  CB   sing N N 360 
VAL CA  HA   sing N N 361 
VAL C   O    doub N N 362 
VAL C   OXT  sing N N 363 
VAL CB  CG1  sing N N 364 
VAL CB  CG2  sing N N 365 
VAL CB  HB   sing N N 366 
VAL CG1 HG11 sing N N 367 
VAL CG1 HG12 sing N N 368 
VAL CG1 HG13 sing N N 369 
VAL CG2 HG21 sing N N 370 
VAL CG2 HG22 sing N N 371 
VAL CG2 HG23 sing N N 372 
VAL OXT HXT  sing N N 373 
# 
loop_
_pdbx_coordinate_model.asym_id 
_pdbx_coordinate_model.type 
A 'CA ATOMS ONLY' 
B 'CA ATOMS ONLY' 
C 'CA ATOMS ONLY' 
# 
_atom_sites.entry_id                    1A1Q 
_atom_sites.fract_transf_matrix[1][1]   0.00683279 
_atom_sites.fract_transf_matrix[1][2]   0.00534800 
_atom_sites.fract_transf_matrix[1][3]   0.00030267 
_atom_sites.fract_transf_matrix[2][1]   0.00650637 
_atom_sites.fract_transf_matrix[2][2]   -0.00157836 
_atom_sites.fract_transf_matrix[2][3]   0.00552748 
_atom_sites.fract_transf_matrix[3][1]   0.00206332 
_atom_sites.fract_transf_matrix[3][2]   -0.00245898 
_atom_sites.fract_transf_matrix[3][3]   -0.00313088 
_atom_sites.fract_transf_vector[1]      0.207327 
_atom_sites.fract_transf_vector[2]      0.400452 
_atom_sites.fract_transf_vector[3]      0.031262 
# 
loop_
_atom_type.symbol 
C  
ZN 
# 
loop_
_atom_site.group_PDB 
_atom_site.id 
_atom_site.type_symbol 
_atom_site.label_atom_id 
_atom_site.label_alt_id 
_atom_site.label_comp_id 
_atom_site.label_asym_id 
_atom_site.label_entity_id 
_atom_site.label_seq_id 
_atom_site.pdbx_PDB_ins_code 
_atom_site.Cartn_x 
_atom_site.Cartn_y 
_atom_site.Cartn_z 
_atom_site.occupancy 
_atom_site.B_iso_or_equiv 
_atom_site.pdbx_formal_charge 
_atom_site.auth_seq_id 
_atom_site.auth_comp_id 
_atom_site.auth_asym_id 
_atom_site.auth_atom_id 
_atom_site.pdbx_PDB_model_num 
ATOM   1   C  CA . PRO A 1 2   ? 37.898  -11.484 20.748  1.00 20.67 ? 2   PRO A CA 1 
ATOM   2   C  CA . ILE A 1 3   ? 37.149  -7.801  20.214  1.00 19.75 ? 3   ILE A CA 1 
ATOM   3   C  CA . THR A 1 4   ? 33.996  -5.795  19.532  1.00 16.60 ? 4   THR A CA 1 
ATOM   4   C  CA . ALA A 1 5   ? 33.335  -2.424  17.952  1.00 13.13 ? 5   ALA A CA 1 
ATOM   5   C  CA . TYR A 1 6   ? 30.321  -0.278  18.773  1.00 15.66 ? 6   TYR A CA 1 
ATOM   6   C  CA . SER A 1 7   ? 28.890  2.791   17.134  1.00 13.79 ? 7   SER A CA 1 
ATOM   7   C  CA . GLN A 1 8   ? 25.639  4.633   17.640  1.00 17.66 ? 8   GLN A CA 1 
ATOM   8   C  CA . GLN A 1 9   ? 22.592  3.978   15.506  1.00 21.60 ? 9   GLN A CA 1 
ATOM   9   C  CA . THR A 1 10  ? 21.097  7.159   14.378  1.00 25.08 ? 10  THR A CA 1 
ATOM   10  C  CA . ARG A 1 11  ? 19.046  5.713   11.566  1.00 20.83 ? 11  ARG A CA 1 
ATOM   11  C  CA . GLY A 1 12  ? 15.623  4.305   10.952  1.00 19.14 ? 12  GLY A CA 1 
ATOM   12  C  CA . LEU A 1 13  ? 13.311  6.512   13.070  1.00 18.37 ? 13  LEU A CA 1 
ATOM   13  C  CA . LEU A 1 14  ? 12.192  10.131  13.064  1.00 19.73 ? 14  LEU A CA 1 
ATOM   14  C  CA . GLY A 1 15  ? 11.002  11.633  16.344  1.00 16.47 ? 15  GLY A CA 1 
ATOM   15  C  CA . CYS A 1 16  ? 9.268   9.633   19.071  1.00 11.88 ? 16  CYS A CA 1 
ATOM   16  C  CA . ILE A 1 17  ? 7.237   6.459   18.585  1.00 9.84  ? 17  ILE A CA 1 
ATOM   17  C  CA . ILE A 1 18  ? 4.660   5.858   21.321  1.00 15.37 ? 18  ILE A CA 1 
ATOM   18  C  CA . THR A 1 19  ? 3.390   2.387   22.238  1.00 20.90 ? 19  THR A CA 1 
ATOM   19  C  CA . SER A 1 20  ? 0.451   1.437   24.445  1.00 20.46 ? 20  SER A CA 1 
ATOM   20  C  CA . LEU A 1 21  ? 1.228   -1.533  26.651  1.00 21.72 ? 21  LEU A CA 1 
ATOM   21  C  CA . THR A 1 22  ? -2.063  -1.755  28.581  1.00 27.89 ? 22  THR A CA 1 
ATOM   22  C  CA . GLY A 1 23  ? -3.665  -4.135  26.170  1.00 30.84 ? 23  GLY A CA 1 
ATOM   23  C  CA . ARG A 1 24  ? -5.018  -4.697  22.674  1.00 35.71 ? 24  ARG A CA 1 
ATOM   24  C  CA . ASP A 1 25  ? -1.865  -4.497  20.504  1.00 36.91 ? 25  ASP A CA 1 
ATOM   25  C  CA . LYS A 1 26  ? -3.445  -2.899  17.469  1.00 35.18 ? 26  LYS A CA 1 
ATOM   26  C  CA . ASN A 1 27  ? -1.546  0.186   16.130  1.00 29.66 ? 27  ASN A CA 1 
ATOM   27  C  CA . GLN A 1 28  ? 1.942   -1.414  15.869  1.00 22.52 ? 28  GLN A CA 1 
ATOM   28  C  CA . VAL A 1 29  ? 4.521   -0.919  13.124  1.00 18.71 ? 29  VAL A CA 1 
ATOM   29  C  CA . GLU A 1 30  ? 3.963   -3.244  10.131  1.00 20.83 ? 30  GLU A CA 1 
ATOM   30  C  CA . GLY A 1 31  ? 7.371   -4.536  9.035   1.00 13.48 ? 31  GLY A CA 1 
ATOM   31  C  CA . GLU A 1 32  ? 7.935   -4.729  5.284   1.00 13.65 ? 32  GLU A CA 1 
ATOM   32  C  CA . VAL A 1 33  ? 8.607   -8.455  5.875   1.00 11.05 ? 33  VAL A CA 1 
ATOM   33  C  CA . GLN A 1 34  ? 6.380   -10.786 7.883   1.00 10.18 ? 34  GLN A CA 1 
ATOM   34  C  CA . VAL A 1 35  ? 5.598   -14.401 8.820   1.00 12.06 ? 35  VAL A CA 1 
ATOM   35  C  CA . VAL A 1 36  ? 2.813   -16.069 6.802   1.00 15.78 ? 36  VAL A CA 1 
ATOM   36  C  CA . SER A 1 37  ? 1.773   -19.753 6.913   1.00 19.23 ? 37  SER A CA 1 
ATOM   37  C  CA . THR A 1 38  ? -0.284  -22.843 6.097   1.00 20.79 ? 38  THR A CA 1 
ATOM   38  C  CA . ALA A 1 39  ? -0.926  -25.994 8.098   1.00 28.54 ? 39  ALA A CA 1 
ATOM   39  C  CA . THR A 1 40  ? 2.089   -27.490 6.337   1.00 32.10 ? 40  THR A CA 1 
ATOM   40  C  CA . GLN A 1 41  ? 4.644   -24.683 6.561   1.00 22.63 ? 41  GLN A CA 1 
ATOM   41  C  CA . SER A 1 42  ? 5.607   -21.336 7.971   1.00 17.20 ? 42  SER A CA 1 
ATOM   42  C  CA . PHE A 1 43  ? 7.323   -18.723 5.708   1.00 14.21 ? 43  PHE A CA 1 
ATOM   43  C  CA . LEU A 1 44  ? 7.636   -14.999 4.981   1.00 13.08 ? 44  LEU A CA 1 
ATOM   44  C  CA . ALA A 1 45  ? 5.747   -12.412 2.976   1.00 11.54 ? 45  ALA A CA 1 
ATOM   45  C  CA . THR A 1 46  ? 7.215   -9.189  1.619   1.00 10.17 ? 46  THR A CA 1 
ATOM   46  C  CA . CYS A 1 47  ? 5.596   -5.913  0.809   1.00 12.19 ? 47  CYS A CA 1 
ATOM   47  C  CA . VAL A 1 48  ? 6.842   -4.518  -2.450  1.00 14.28 ? 48  VAL A CA 1 
ATOM   48  C  CA . ASN A 1 49  ? 4.562   -1.778  -3.633  1.00 14.35 ? 49  ASN A CA 1 
ATOM   49  C  CA . GLY A 1 50  ? 1.678   -2.003  -1.260  1.00 12.01 ? 50  GLY A CA 1 
ATOM   50  C  CA . VAL A 1 51  ? 1.367   -5.613  -2.285  1.00 11.76 ? 51  VAL A CA 1 
ATOM   51  C  CA . CYS A 1 52  ? 2.407   -8.477  -0.054  1.00 13.55 ? 52  CYS A CA 1 
ATOM   52  C  CA . TRP A 1 53  ? 4.062   -11.271 -1.938  1.00 10.72 ? 53  TRP A CA 1 
ATOM   53  C  CA . THR A 1 54  ? 4.666   -14.807 -0.754  1.00 10.30 ? 54  THR A CA 1 
ATOM   54  C  CA . VAL A 1 55  ? 5.801   -18.094 -2.349  1.00 16.39 ? 55  VAL A CA 1 
ATOM   55  C  CA . TYR A 1 56  ? 3.221   -20.219 -4.107  1.00 21.12 ? 56  TYR A CA 1 
ATOM   56  C  CA . HIS A 1 57  ? 4.195   -23.721 -2.946  1.00 34.94 ? 57  HIS A CA 1 
ATOM   57  C  CA . GLY A 1 58  ? 2.885   -23.814 0.575   1.00 41.03 ? 58  GLY A CA 1 
ATOM   58  C  CA . ALA A 1 59  ? 1.131   -20.526 0.101   1.00 40.12 ? 59  ALA A CA 1 
ATOM   59  C  CA . GLY A 1 60  ? -2.454  -20.615 -0.973  1.00 39.45 ? 60  GLY A CA 1 
ATOM   60  C  CA . SER A 1 61  ? -2.095  -24.329 -0.542  1.00 40.10 ? 61  SER A CA 1 
ATOM   61  C  CA . LYS A 1 62  ? -2.576  -25.542 3.040   1.00 37.17 ? 62  LYS A CA 1 
ATOM   62  C  CA . THR A 1 63  ? -4.562  -22.518 4.224   1.00 34.28 ? 63  THR A CA 1 
ATOM   63  C  CA . LEU A 1 64  ? -2.325  -19.472 3.830   1.00 24.74 ? 64  LEU A CA 1 
ATOM   64  C  CA . ALA A 1 65  ? -3.132  -17.372 6.925   1.00 24.94 ? 65  ALA A CA 1 
ATOM   65  C  CA . GLY A 1 66  ? -1.496  -14.331 8.482   1.00 26.94 ? 66  GLY A CA 1 
ATOM   66  C  CA . PRO A 1 67  ? -1.658  -13.400 12.168  1.00 31.73 ? 67  PRO A CA 1 
ATOM   67  C  CA . LYS A 1 68  ? -5.000  -11.672 11.420  1.00 31.15 ? 68  LYS A CA 1 
ATOM   68  C  CA . GLY A 1 69  ? -6.399  -14.835 9.844   1.00 28.12 ? 69  GLY A CA 1 
ATOM   69  C  CA . PRO A 1 70  ? -6.505  -16.278 6.278   1.00 24.80 ? 70  PRO A CA 1 
ATOM   70  C  CA . ILE A 1 71  ? -5.165  -14.513 3.238   1.00 23.39 ? 71  ILE A CA 1 
ATOM   71  C  CA . THR A 1 72  ? -7.216  -13.816 0.142   1.00 22.12 ? 72  THR A CA 1 
ATOM   72  C  CA . GLN A 1 73  ? -4.747  -14.092 -2.708  1.00 16.25 ? 73  GLN A CA 1 
ATOM   73  C  CA . MET A 1 74  ? -5.378  -11.482 -5.324  1.00 13.97 ? 74  MET A CA 1 
ATOM   74  C  CA . TYR A 1 75  ? -2.351  -11.843 -7.673  1.00 11.61 ? 75  TYR A CA 1 
ATOM   75  C  CA . THR A 1 76  ? 0.359   -14.057 -9.176  1.00 11.39 ? 76  THR A CA 1 
ATOM   76  C  CA . ASN A 1 77  ? 3.656   -13.044 -10.824 1.00 10.53 ? 77  ASN A CA 1 
ATOM   77  C  CA . VAL A 1 78  ? 4.652   -13.481 -14.488 1.00 13.31 ? 78  VAL A CA 1 
ATOM   78  C  CA . ASP A 1 79  ? 5.656   -17.137 -13.975 1.00 15.46 ? 79  ASP A CA 1 
ATOM   79  C  CA . GLN A 1 80  ? 3.223   -18.148 -11.241 1.00 18.49 ? 80  GLN A CA 1 
ATOM   80  C  CA . ASP A 1 81  ? 6.084   -18.825 -8.802  1.00 16.04 ? 81  ASP A CA 1 
ATOM   81  C  CA . LEU A 1 82  ? 4.553   -16.238 -6.489  1.00 12.31 ? 82  LEU A CA 1 
ATOM   82  C  CA . VAL A 1 83  ? 1.144   -15.371 -5.085  1.00 8.56  ? 83  VAL A CA 1 
ATOM   83  C  CA . GLY A 1 84  ? 0.143   -12.044 -3.470  1.00 8.03  ? 84  GLY A CA 1 
ATOM   84  C  CA . TRP A 1 85  ? -2.482  -9.549  -2.256  1.00 9.60  ? 85  TRP A CA 1 
ATOM   85  C  CA . GLN A 1 86  ? -2.786  -5.915  -1.137  1.00 12.73 ? 86  GLN A CA 1 
ATOM   86  C  CA . ALA A 1 87  ? -0.897  -5.025  2.050   1.00 16.17 ? 87  ALA A CA 1 
ATOM   87  C  CA . PRO A 1 88  ? -2.657  -3.432  5.093   1.00 22.07 ? 88  PRO A CA 1 
ATOM   88  C  CA . PRO A 1 89  ? -2.851  0.422   5.288   1.00 26.63 ? 89  PRO A CA 1 
ATOM   89  C  CA . GLY A 1 90  ? 0.091   1.950   7.084   1.00 24.04 ? 90  GLY A CA 1 
ATOM   90  C  CA . ALA A 1 91  ? 2.094   -1.203  6.290   1.00 23.44 ? 91  ALA A CA 1 
ATOM   91  C  CA . ARG A 1 92  ? 5.763   -0.536  5.296   1.00 18.58 ? 92  ARG A CA 1 
ATOM   92  C  CA . SER A 1 93  ? 6.782   -1.323  1.680   1.00 14.57 ? 93  SER A CA 1 
ATOM   93  C  CA . LEU A 1 94  ? 9.957   -1.867  -0.353  1.00 11.05 ? 94  LEU A CA 1 
ATOM   94  C  CA . THR A 1 95  ? 10.506  -0.056  -3.647  1.00 10.74 ? 95  THR A CA 1 
ATOM   95  C  CA . PRO A 1 96  ? 11.795  -2.220  -6.501  1.00 11.04 ? 96  PRO A CA 1 
ATOM   96  C  CA . CYS A 1 97  ? 15.570  -1.805  -7.239  1.00 18.15 ? 97  CYS A CA 1 
ATOM   97  C  CA . THR A 1 98  ? 16.950  0.315   -10.160 1.00 23.47 ? 98  THR A CA 1 
ATOM   98  C  CA . CYS A 1 99  ? 20.864  0.465   -10.092 1.00 25.86 ? 99  CYS A CA 1 
ATOM   99  C  CA . GLY A 1 100 ? 21.482  -3.019  -11.388 1.00 23.08 ? 100 GLY A CA 1 
ATOM   100 C  CA . SER A 1 101 ? 23.605  -3.846  -8.368  1.00 16.32 ? 101 SER A CA 1 
ATOM   101 C  CA . SER A 1 102 ? 24.961  -7.314  -7.935  1.00 10.52 ? 102 SER A CA 1 
ATOM   102 C  CA . ASP A 1 103 ? 25.463  -7.035  -4.140  1.00 8.73  ? 103 ASP A CA 1 
ATOM   103 C  CA . LEU A 1 104 ? 22.154  -8.347  -2.724  1.00 8.73  ? 104 LEU A CA 1 
ATOM   104 C  CA . TYR A 1 105 ? 21.335  -9.075  0.925   1.00 6.71  ? 105 TYR A CA 1 
ATOM   105 C  CA . LEU A 1 106 ? 18.860  -11.794 1.776   1.00 3.60  ? 106 LEU A CA 1 
ATOM   106 C  CA . VAL A 1 107 ? 16.716  -11.033 4.855   1.00 10.13 ? 107 VAL A CA 1 
ATOM   107 C  CA . THR A 1 108 ? 16.053  -14.086 6.976   1.00 13.54 ? 108 THR A CA 1 
ATOM   108 C  CA . ARG A 1 109 ? 12.988  -14.981 9.113   1.00 15.84 ? 109 ARG A CA 1 
ATOM   109 C  CA . HIS A 1 110 ? 15.075  -14.296 12.183  1.00 11.57 ? 110 HIS A CA 1 
ATOM   110 C  CA . ALA A 1 111 ? 16.060  -10.991 10.679  1.00 12.41 ? 111 ALA A CA 1 
ATOM   111 C  CA . ASP A 1 112 ? 19.557  -12.142 9.950   1.00 13.32 ? 112 ASP A CA 1 
ATOM   112 C  CA . VAL A 1 113 ? 20.911  -10.468 6.826   1.00 11.38 ? 113 VAL A CA 1 
ATOM   113 C  CA . ILE A 1 114 ? 22.778  -12.962 4.659   1.00 11.06 ? 114 ILE A CA 1 
ATOM   114 C  CA . PRO A 1 115 ? 24.944  -11.462 1.877   1.00 7.87  ? 115 PRO A CA 1 
ATOM   115 C  CA . VAL A 1 116 ? 24.357  -12.820 -1.658  1.00 6.88  ? 116 VAL A CA 1 
ATOM   116 C  CA . ARG A 1 117 ? 26.229  -12.064 -4.932  1.00 6.82  ? 117 ARG A CA 1 
ATOM   117 C  CA . ARG A 1 118 ? 23.803  -12.125 -7.891  1.00 7.15  ? 118 ARG A CA 1 
ATOM   118 C  CA . ARG A 1 119 ? 24.792  -14.486 -10.674 1.00 7.95  ? 119 ARG A CA 1 
ATOM   119 C  CA . GLY A 1 120 ? 21.868  -14.183 -13.100 1.00 8.78  ? 120 GLY A CA 1 
ATOM   120 C  CA . ASP A 1 121 ? 18.212  -13.228 -13.427 1.00 15.31 ? 121 ASP A CA 1 
ATOM   121 C  CA . SER A 1 122 ? 17.083  -15.462 -10.564 1.00 15.75 ? 122 SER A CA 1 
ATOM   122 C  CA . ARG A 1 123 ? 20.228  -16.797 -8.985  1.00 9.04  ? 123 ARG A CA 1 
ATOM   123 C  CA . GLY A 1 124 ? 22.789  -15.772 -6.407  1.00 8.95  ? 124 GLY A CA 1 
ATOM   124 C  CA . SER A 1 125 ? 25.784  -17.198 -4.619  1.00 7.98  ? 125 SER A CA 1 
ATOM   125 C  CA . LEU A 1 126 ? 25.987  -17.174 -0.879  1.00 7.71  ? 126 LEU A CA 1 
ATOM   126 C  CA . LEU A 1 127 ? 29.261  -15.555 0.216   1.00 11.15 ? 127 LEU A CA 1 
ATOM   127 C  CA . SER A 1 128 ? 29.462  -17.870 3.261   1.00 11.50 ? 128 SER A CA 1 
ATOM   128 C  CA . PRO A 1 129 ? 27.564  -21.147 2.919   1.00 10.07 ? 129 PRO A CA 1 
ATOM   129 C  CA . ARG A 1 130 ? 24.631  -21.410 5.320   1.00 10.92 ? 130 ARG A CA 1 
ATOM   130 C  CA . PRO A 1 131 ? 23.034  -24.348 7.033   1.00 9.37  ? 131 PRO A CA 1 
ATOM   131 C  CA . VAL A 1 132 ? 19.811  -25.100 5.264   1.00 10.10 ? 132 VAL A CA 1 
ATOM   132 C  CA . SER A 1 133 ? 18.129  -25.175 8.733   1.00 13.06 ? 133 SER A CA 1 
ATOM   133 C  CA . TYR A 1 134 ? 19.046  -21.466 8.979   1.00 13.46 ? 134 TYR A CA 1 
ATOM   134 C  CA . LEU A 1 135 ? 17.176  -20.648 5.744   1.00 12.25 ? 135 LEU A CA 1 
ATOM   135 C  CA . LYS A 1 136 ? 14.195  -22.781 6.720   1.00 11.84 ? 136 LYS A CA 1 
ATOM   136 C  CA . GLY A 1 137 ? 10.947  -20.819 6.976   1.00 12.88 ? 137 GLY A CA 1 
ATOM   137 C  CA . SER A 1 138 ? 12.456  -17.856 5.061   1.00 11.14 ? 138 SER A CA 1 
ATOM   138 C  CA . SER A 1 139 ? 10.874  -18.413 1.648   1.00 12.84 ? 139 SER A CA 1 
ATOM   139 C  CA . GLY A 1 140 ? 9.204   -15.183 0.636   1.00 10.20 ? 140 GLY A CA 1 
ATOM   140 C  CA . GLY A 1 141 ? 11.910  -13.151 2.309   1.00 8.18  ? 141 GLY A CA 1 
ATOM   141 C  CA . PRO A 1 142 ? 13.330  -10.329 0.167   1.00 5.35  ? 142 PRO A CA 1 
ATOM   142 C  CA . LEU A 1 143 ? 16.664  -9.820  -1.531  1.00 9.00  ? 143 LEU A CA 1 
ATOM   143 C  CA . LEU A 1 144 ? 17.734  -6.197  -1.167  1.00 7.47  ? 144 LEU A CA 1 
ATOM   144 C  CA . CYS A 1 145 ? 20.496  -4.286  -2.867  1.00 8.82  ? 145 CYS A CA 1 
ATOM   145 C  CA . PRO A 1 146 ? 22.806  -2.103  -0.703  1.00 9.43  ? 146 PRO A CA 1 
ATOM   146 C  CA . SER A 1 147 ? 20.444  0.868   -0.839  1.00 12.10 ? 147 SER A CA 1 
ATOM   147 C  CA . GLY A 1 148 ? 17.776  -1.392  0.768   1.00 10.57 ? 148 GLY A CA 1 
ATOM   148 C  CA . HIS A 1 149 ? 15.699  -1.992  -2.340  1.00 12.34 ? 149 HIS A CA 1 
ATOM   149 C  CA . ALA A 1 150 ? 13.711  -5.067  -3.307  1.00 7.89  ? 150 ALA A CA 1 
ATOM   150 C  CA . VAL A 1 151 ? 15.518  -7.012  -6.023  1.00 5.41  ? 151 VAL A CA 1 
ATOM   151 C  CA . GLY A 1 152 ? 13.809  -10.394 -5.722  1.00 7.90  ? 152 GLY A CA 1 
ATOM   152 C  CA . ILE A 1 153 ? 12.063  -12.906 -3.407  1.00 8.02  ? 153 ILE A CA 1 
ATOM   153 C  CA . PHE A 1 154 ? 13.860  -15.927 -1.986  1.00 8.33  ? 154 PHE A CA 1 
ATOM   154 C  CA . ARG A 1 155 ? 12.420  -19.187 -3.192  1.00 11.89 ? 155 ARG A CA 1 
ATOM   155 C  CA . ALA A 1 156 ? 14.806  -22.082 -2.544  1.00 7.77  ? 156 ALA A CA 1 
ATOM   156 C  CA . ALA A 1 157 ? 18.412  -22.927 -1.520  1.00 7.50  ? 157 ALA A CA 1 
ATOM   157 C  CA . VAL A 1 158 ? 20.742  -24.768 -3.865  1.00 8.86  ? 158 VAL A CA 1 
ATOM   158 C  CA . CYS A 1 159 ? 22.814  -27.304 -1.982  1.00 8.12  ? 159 CYS A CA 1 
ATOM   159 C  CA . THR A 1 160 ? 26.231  -28.877 -2.128  1.00 12.35 ? 160 THR A CA 1 
ATOM   160 C  CA . ARG A 1 161 ? 27.489  -31.261 0.576   1.00 7.97  ? 161 ARG A CA 1 
ATOM   161 C  CA . GLY A 1 162 ? 24.284  -30.851 2.590   1.00 6.54  ? 162 GLY A CA 1 
ATOM   162 C  CA . VAL A 1 163 ? 24.606  -27.091 3.261   1.00 9.42  ? 163 VAL A CA 1 
ATOM   163 C  CA . ALA A 1 164 ? 23.044  -24.167 1.349   1.00 8.76  ? 164 ALA A CA 1 
ATOM   164 C  CA . LYS A 1 165 ? 25.608  -22.741 -1.128  1.00 8.98  ? 165 LYS A CA 1 
ATOM   165 C  CA . ALA A 1 166 ? 23.415  -20.594 -3.386  1.00 9.34  ? 166 ALA A CA 1 
ATOM   166 C  CA . VAL A 1 167 ? 19.910  -19.310 -3.724  1.00 9.08  ? 167 VAL A CA 1 
ATOM   167 C  CA . ASP A 1 168 ? 17.113  -19.334 -6.311  1.00 9.78  ? 168 ASP A CA 1 
ATOM   168 C  CA . PHE A 1 169 ? 14.880  -16.260 -6.197  1.00 8.46  ? 169 PHE A CA 1 
ATOM   169 C  CA . VAL A 1 170 ? 12.072  -14.513 -8.058  1.00 6.93  ? 170 VAL A CA 1 
ATOM   170 C  CA . PRO A 1 171 ? 13.209  -11.256 -9.571  1.00 9.65  ? 171 PRO A CA 1 
ATOM   171 C  CA . VAL A 1 172 ? 11.186  -8.230  -8.541  1.00 13.40 ? 172 VAL A CA 1 
ATOM   172 C  CA . GLU A 1 173 ? 10.374  -7.331  -12.146 1.00 16.49 ? 173 GLU A CA 1 
ATOM   173 C  CA . SER A 1 174 ? 8.038   -10.333 -12.410 1.00 14.18 ? 174 SER A CA 1 
ATOM   174 C  CA . MET A 1 175 ? 5.792   -8.595  -9.925  1.00 10.33 ? 175 MET A CA 1 
ATOM   175 C  CA . GLU A 1 176 ? 5.474   -5.396  -11.921 1.00 10.07 ? 176 GLU A CA 1 
ATOM   176 C  CA . THR A 1 177 ? 1.825   -4.431  -12.329 1.00 10.00 ? 177 THR A CA 1 
ATOM   177 C  CA . THR A 1 178 ? 1.702   -5.462  -16.005 1.00 13.92 ? 178 THR A CA 1 
ATOM   178 C  CA . MET A 1 179 ? 3.658   -8.621  -15.239 1.00 14.42 ? 179 MET A CA 1 
ATOM   179 C  CA . ARG A 1 180 ? 1.335   -9.984  -12.560 1.00 13.03 ? 180 ARG A CA 1 
ATOM   180 C  CA . SER A 1 181 ? -1.995  -11.584 -13.290 1.00 15.65 ? 181 SER A CA 1 
ATOM   181 C  CA . PRO A 1 182 ? -5.233  -11.953 -11.328 1.00 18.71 ? 182 PRO A CA 1 
ATOM   182 C  CA . VAL A 1 183 ? -6.070  -14.702 -8.910  1.00 28.20 ? 183 VAL A CA 1 
ATOM   183 C  CA . PHE A 1 184 ? -9.750  -14.467 -7.906  1.00 36.98 ? 184 PHE A CA 1 
ATOM   184 C  CA . PRO B 1 2   ? -30.647 -9.422  -28.805 1.00 30.83 ? 2   PRO B CA 1 
ATOM   185 C  CA . ILE B 1 3   ? -29.049 -6.649  -26.731 1.00 25.93 ? 3   ILE B CA 1 
ATOM   186 C  CA . THR B 1 4   ? -29.101 -2.842  -26.566 1.00 22.43 ? 4   THR B CA 1 
ATOM   187 C  CA . ALA B 1 5   ? -26.442 -0.465  -25.286 1.00 21.78 ? 5   ALA B CA 1 
ATOM   188 C  CA . TYR B 1 6   ? -27.406 2.888   -23.872 1.00 23.84 ? 6   TYR B CA 1 
ATOM   189 C  CA . SER B 1 7   ? -24.969 5.723   -23.221 1.00 25.27 ? 7   SER B CA 1 
ATOM   190 C  CA . GLN B 1 8   ? -26.044 8.890   -21.396 1.00 30.36 ? 8   GLN B CA 1 
ATOM   191 C  CA . GLY B 1 12  ? -26.836 10.261  -14.167 1.00 24.59 ? 12  GLY B CA 1 
ATOM   192 C  CA . LEU B 1 13  ? -25.163 7.295   -15.899 1.00 24.93 ? 13  LEU B CA 1 
ATOM   193 C  CA . LEU B 1 14  ? -21.416 6.943   -16.070 1.00 28.64 ? 14  LEU B CA 1 
ATOM   194 C  CA . GLY B 1 15  ? -20.728 4.499   -18.930 1.00 26.73 ? 15  GLY B CA 1 
ATOM   195 C  CA . CYS B 1 16  ? -22.721 2.220   -21.181 1.00 23.36 ? 16  CYS B CA 1 
ATOM   196 C  CA . ILE B 1 17  ? -25.550 0.223   -19.740 1.00 21.45 ? 17  ILE B CA 1 
ATOM   197 C  CA . ILE B 1 18  ? -25.923 -2.984  -21.714 1.00 21.82 ? 18  ILE B CA 1 
ATOM   198 C  CA . THR B 1 19  ? -29.448 -4.458  -21.810 1.00 24.60 ? 19  THR B CA 1 
ATOM   199 C  CA . SER B 1 20  ? -30.582 -7.655  -23.526 1.00 30.32 ? 20  SER B CA 1 
ATOM   200 C  CA . LEU B 1 21  ? -34.114 -7.536  -24.956 1.00 33.48 ? 21  LEU B CA 1 
ATOM   201 C  CA . THR B 1 22  ? -34.648 -11.314 -24.933 1.00 35.60 ? 22  THR B CA 1 
ATOM   202 C  CA . GLN B 1 28  ? -24.127 8.052   -10.804 1.00 31.63 ? 28  GLN B CA 1 
ATOM   203 C  CA . VAL B 1 29  ? -24.678 4.436   -11.947 1.00 29.59 ? 29  VAL B CA 1 
ATOM   204 C  CA . GLU B 1 30  ? -21.561 3.112   -13.625 1.00 27.66 ? 30  GLU B CA 1 
ATOM   205 C  CA . GLY B 1 31  ? -22.236 0.927   -16.614 1.00 23.95 ? 31  GLY B CA 1 
ATOM   206 C  CA . GLU B 1 32  ? -20.576 -2.248  -17.809 1.00 18.51 ? 32  GLU B CA 1 
ATOM   207 C  CA . VAL B 1 33  ? -18.569 -0.335  -20.380 1.00 13.77 ? 33  VAL B CA 1 
ATOM   208 C  CA . GLN B 1 34  ? -16.759 3.010   -20.074 1.00 17.71 ? 34  GLN B CA 1 
ATOM   209 C  CA . VAL B 1 35  ? -14.178 5.259   -21.633 1.00 17.94 ? 35  VAL B CA 1 
ATOM   210 C  CA . VAL B 1 36  ? -10.617 4.722   -20.486 1.00 21.78 ? 36  VAL B CA 1 
ATOM   211 C  CA . SER B 1 37  ? -8.322  7.243   -22.142 1.00 26.25 ? 37  SER B CA 1 
ATOM   212 C  CA . THR B 1 38  ? -4.542  7.316   -22.391 1.00 31.08 ? 38  THR B CA 1 
ATOM   213 C  CA . ALA B 1 39  ? -2.125  9.959   -23.809 1.00 35.90 ? 39  ALA B CA 1 
ATOM   214 C  CA . THR B 1 40  ? -2.344  9.279   -27.573 1.00 35.92 ? 40  THR B CA 1 
ATOM   215 C  CA . GLN B 1 41  ? -5.926  7.910   -27.518 1.00 30.89 ? 41  GLN B CA 1 
ATOM   216 C  CA . SER B 1 42  ? -9.131  6.525   -25.959 1.00 21.43 ? 42  SER B CA 1 
ATOM   217 C  CA . PHE B 1 43  ? -10.539 3.016   -25.513 1.00 14.13 ? 43  PHE B CA 1 
ATOM   218 C  CA . LEU B 1 44  ? -13.200 1.200   -23.556 1.00 11.27 ? 44  LEU B CA 1 
ATOM   219 C  CA . ALA B 1 45  ? -12.960 -0.968  -20.483 1.00 7.52  ? 45  ALA B CA 1 
ATOM   220 C  CA . THR B 1 46  ? -15.456 -3.775  -20.012 1.00 11.46 ? 46  THR B CA 1 
ATOM   221 C  CA . CYS B 1 47  ? -16.515 -5.114  -16.678 1.00 13.37 ? 47  CYS B CA 1 
ATOM   222 C  CA . VAL B 1 48  ? -16.799 -8.900  -16.640 1.00 15.62 ? 48  VAL B CA 1 
ATOM   223 C  CA . ASN B 1 49  ? -17.278 -10.257 -13.111 1.00 16.07 ? 49  ASN B CA 1 
ATOM   224 C  CA . GLY B 1 50  ? -16.286 -7.174  -11.127 1.00 15.71 ? 50  GLY B CA 1 
ATOM   225 C  CA . VAL B 1 51  ? -13.076 -6.597  -13.058 1.00 15.50 ? 51  VAL B CA 1 
ATOM   226 C  CA . CYS B 1 52  ? -12.477 -3.874  -15.604 1.00 14.23 ? 52  CYS B CA 1 
ATOM   227 C  CA . TRP B 1 53  ? -10.547 -4.990  -18.600 1.00 10.11 ? 53  TRP B CA 1 
ATOM   228 C  CA . THR B 1 54  ? -9.204  -3.067  -21.549 1.00 13.65 ? 54  THR B CA 1 
ATOM   229 C  CA . VAL B 1 55  ? -6.745  -3.895  -24.280 1.00 19.77 ? 55  VAL B CA 1 
ATOM   230 C  CA . TYR B 1 56  ? -3.115  -4.049  -23.251 1.00 23.17 ? 56  TYR B CA 1 
ATOM   231 C  CA . HIS B 1 57  ? -2.521  -2.774  -26.800 1.00 35.02 ? 57  HIS B CA 1 
ATOM   232 C  CA . GLY B 1 58  ? -3.599  0.715   -25.864 1.00 36.79 ? 58  GLY B CA 1 
ATOM   233 C  CA . ALA B 1 59  ? -4.019  0.510   -22.125 1.00 42.11 ? 59  ALA B CA 1 
ATOM   234 C  CA . GLY B 1 60  ? -1.212  1.819   -19.962 1.00 43.51 ? 60  GLY B CA 1 
ATOM   235 C  CA . SER B 1 61  ? 0.900   2.890   -22.961 1.00 42.87 ? 61  SER B CA 1 
ATOM   236 C  CA . LYS B 1 62  ? 0.873   6.579   -22.205 1.00 45.41 ? 62  LYS B CA 1 
ATOM   237 C  CA . THR B 1 63  ? -1.145  7.182   -18.947 1.00 40.65 ? 63  THR B CA 1 
ATOM   238 C  CA . LEU B 1 64  ? -4.767  5.884   -18.384 1.00 31.72 ? 64  LEU B CA 1 
ATOM   239 C  CA . ALA B 1 65  ? -7.739  7.952   -17.143 1.00 32.81 ? 65  ALA B CA 1 
ATOM   240 C  CA . GLY B 1 66  ? -11.318 7.035   -16.416 1.00 35.27 ? 66  GLY B CA 1 
ATOM   241 C  CA . PRO B 1 67  ? -14.805 8.663   -16.314 1.00 35.94 ? 67  PRO B CA 1 
ATOM   242 C  CA . LYS B 1 68  ? -13.876 9.702   -12.759 1.00 34.84 ? 68  LYS B CA 1 
ATOM   243 C  CA . GLY B 1 69  ? -10.108 9.947   -12.210 1.00 32.93 ? 69  GLY B CA 1 
ATOM   244 C  CA . PRO B 1 70  ? -6.860  8.148   -13.290 1.00 30.24 ? 70  PRO B CA 1 
ATOM   245 C  CA . ILE B 1 71  ? -7.138  4.393   -13.389 1.00 24.35 ? 71  ILE B CA 1 
ATOM   246 C  CA . THR B 1 72  ? -4.775  2.415   -11.252 1.00 24.42 ? 72  THR B CA 1 
ATOM   247 C  CA . GLN B 1 73  ? -4.101  -0.664  -13.281 1.00 22.68 ? 73  GLN B CA 1 
ATOM   248 C  CA . MET B 1 74  ? -3.691  -3.662  -11.097 1.00 20.85 ? 74  MET B CA 1 
ATOM   249 C  CA . TYR B 1 75  ? -2.363  -6.277  -13.485 1.00 19.54 ? 75  TYR B CA 1 
ATOM   250 C  CA . THR B 1 76  ? -2.740  -7.893  -16.958 1.00 17.32 ? 76  THR B CA 1 
ATOM   251 C  CA . ASN B 1 77  ? -4.238  -11.327 -17.783 1.00 15.77 ? 77  ASN B CA 1 
ATOM   252 C  CA . VAL B 1 78  ? -1.907  -14.336 -18.207 1.00 16.77 ? 78  VAL B CA 1 
ATOM   253 C  CA . ASP B 1 79  ? -1.487  -13.976 -21.934 1.00 17.14 ? 79  ASP B CA 1 
ATOM   254 C  CA . GLN B 1 80  ? -0.580  -10.320 -21.313 1.00 17.83 ? 80  GLN B CA 1 
ATOM   255 C  CA . ASP B 1 81  ? -3.353  -9.475  -23.798 1.00 12.48 ? 81  ASP B CA 1 
ATOM   256 C  CA . LEU B 1 82  ? -5.474  -7.389  -21.499 1.00 14.62 ? 82  LEU B CA 1 
ATOM   257 C  CA . VAL B 1 83  ? -4.914  -4.906  -18.670 1.00 17.91 ? 83  VAL B CA 1 
ATOM   258 C  CA . GLY B 1 84  ? -7.410  -4.789  -15.817 1.00 15.28 ? 84  GLY B CA 1 
ATOM   259 C  CA . TRP B 1 85  ? -8.264  -3.804  -12.228 1.00 15.51 ? 85  TRP B CA 1 
ATOM   260 C  CA . GLN B 1 86  ? -10.951 -4.531  -9.666  1.00 20.46 ? 86  GLN B CA 1 
ATOM   261 C  CA . ALA B 1 87  ? -14.203 -2.702  -10.356 1.00 21.98 ? 87  ALA B CA 1 
ATOM   262 C  CA . PRO B 1 88  ? -15.592 0.017   -8.005  1.00 30.26 ? 88  PRO B CA 1 
ATOM   263 C  CA . PRO B 1 89  ? -17.899 -1.472  -5.348  1.00 32.98 ? 89  PRO B CA 1 
ATOM   264 C  CA . GLY B 1 90  ? -21.415 -1.355  -6.766  1.00 34.05 ? 90  GLY B CA 1 
ATOM   265 C  CA . ALA B 1 91  ? -20.286 -1.279  -10.438 1.00 29.53 ? 91  ALA B CA 1 
ATOM   266 C  CA . ARG B 1 92  ? -22.412 -3.193  -13.020 1.00 23.44 ? 92  ARG B CA 1 
ATOM   267 C  CA . SER B 1 93  ? -20.761 -6.272  -14.518 1.00 20.93 ? 93  SER B CA 1 
ATOM   268 C  CA . LEU B 1 94  ? -21.263 -8.695  -17.361 1.00 18.89 ? 94  LEU B CA 1 
ATOM   269 C  CA . THR B 1 95  ? -20.955 -12.441 -16.713 1.00 18.36 ? 95  THR B CA 1 
ATOM   270 C  CA . PRO B 1 96  ? -18.944 -14.579 -19.101 1.00 21.45 ? 96  PRO B CA 1 
ATOM   271 C  CA . CYS B 1 97  ? -21.054 -16.446 -21.657 1.00 22.43 ? 97  CYS B CA 1 
ATOM   272 C  CA . THR B 1 98  ? -21.715 -20.073 -20.819 1.00 28.87 ? 98  THR B CA 1 
ATOM   273 C  CA . CYS B 1 99  ? -23.834 -21.212 -23.696 1.00 29.31 ? 99  CYS B CA 1 
ATOM   274 C  CA . GLY B 1 100 ? -21.798 -21.495 -26.875 1.00 26.44 ? 100 GLY B CA 1 
ATOM   275 C  CA . SER B 1 101 ? -23.407 -18.975 -29.186 1.00 18.98 ? 101 SER B CA 1 
ATOM   276 C  CA . SER B 1 102 ? -21.523 -17.957 -32.293 1.00 12.06 ? 102 SER B CA 1 
ATOM   277 C  CA . ASP B 1 103 ? -23.806 -14.973 -32.765 1.00 14.64 ? 103 ASP B CA 1 
ATOM   278 C  CA . LEU B 1 104 ? -21.938 -12.005 -31.261 1.00 16.06 ? 104 LEU B CA 1 
ATOM   279 C  CA . TYR B 1 105 ? -22.836 -8.345  -30.820 1.00 13.45 ? 105 TYR B CA 1 
ATOM   280 C  CA . LEU B 1 106 ? -20.161 -5.667  -30.454 1.00 13.02 ? 106 LEU B CA 1 
ATOM   281 C  CA . VAL B 1 107 ? -20.973 -2.711  -28.266 1.00 14.82 ? 107 VAL B CA 1 
ATOM   282 C  CA . THR B 1 108 ? -19.278 0.417   -29.646 1.00 14.29 ? 108 THR B CA 1 
ATOM   283 C  CA . ARG B 1 109 ? -18.016 3.579   -27.813 1.00 13.82 ? 109 ARG B CA 1 
ATOM   284 C  CA . HIS B 1 110 ? -20.869 5.365   -29.593 1.00 16.86 ? 110 HIS B CA 1 
ATOM   285 C  CA . ALA B 1 111 ? -23.212 2.799   -28.030 1.00 14.88 ? 111 ALA B CA 1 
ATOM   286 C  CA . ASP B 1 112 ? -24.132 1.005   -31.258 1.00 17.27 ? 112 ASP B CA 1 
ATOM   287 C  CA . VAL B 1 113 ? -24.344 -2.812  -31.365 1.00 13.50 ? 113 VAL B CA 1 
ATOM   288 C  CA . ILE B 1 114 ? -22.588 -4.396  -34.392 1.00 11.08 ? 114 ILE B CA 1 
ATOM   289 C  CA . PRO B 1 115 ? -23.590 -7.999  -35.091 1.00 7.62  ? 115 PRO B CA 1 
ATOM   290 C  CA . VAL B 1 116 ? -20.564 -10.265 -35.426 1.00 7.78  ? 116 VAL B CA 1 
ATOM   291 C  CA . ARG B 1 117 ? -20.543 -13.944 -36.293 1.00 9.11  ? 117 ARG B CA 1 
ATOM   292 C  CA . ARG B 1 118 ? -17.876 -16.034 -34.504 1.00 8.19  ? 118 ARG B CA 1 
ATOM   293 C  CA . ARG B 1 119 ? -15.373 -17.646 -36.888 1.00 11.13 ? 119 ARG B CA 1 
ATOM   294 C  CA . GLY B 1 120 ? -12.720 -18.723 -34.335 1.00 14.90 ? 120 GLY B CA 1 
ATOM   295 C  CA . ASP B 1 121 ? -11.687 -18.372 -30.703 1.00 14.73 ? 121 ASP B CA 1 
ATOM   296 C  CA . SER B 1 122 ? -10.556 -14.816 -31.210 1.00 10.15 ? 122 SER B CA 1 
ATOM   297 C  CA . ARG B 1 123 ? -12.083 -13.995 -34.555 1.00 9.60  ? 123 ARG B CA 1 
ATOM   298 C  CA . GLY B 1 124 ? -15.338 -12.661 -35.843 1.00 10.69 ? 124 GLY B CA 1 
ATOM   299 C  CA . SER B 1 125 ? -16.618 -11.425 -39.170 1.00 10.85 ? 125 SER B CA 1 
ATOM   300 C  CA . LEU B 1 126 ? -18.867 -8.442  -39.251 1.00 10.54 ? 126 LEU B CA 1 
ATOM   301 C  CA . LEU B 1 127 ? -22.150 -9.180  -40.924 1.00 13.41 ? 127 LEU B CA 1 
ATOM   302 C  CA . SER B 1 128 ? -21.926 -5.665  -42.420 1.00 18.68 ? 128 SER B CA 1 
ATOM   303 C  CA . PRO B 1 129 ? -18.559 -3.903  -43.172 1.00 10.71 ? 129 PRO B CA 1 
ATOM   304 C  CA . ARG B 1 130 ? -18.050 -0.940  -40.828 1.00 8.97  ? 130 ARG B CA 1 
ATOM   305 C  CA . PRO B 1 131 ? -16.069 2.248   -41.340 1.00 11.66 ? 131 PRO B CA 1 
ATOM   306 C  CA . VAL B 1 132 ? -12.776 2.264   -39.472 1.00 17.34 ? 132 VAL B CA 1 
ATOM   307 C  CA . SER B 1 133 ? -13.476 5.779   -38.051 1.00 17.54 ? 133 SER B CA 1 
ATOM   308 C  CA . TYR B 1 134 ? -16.383 4.059   -36.372 1.00 19.52 ? 134 TYR B CA 1 
ATOM   309 C  CA . LEU B 1 135 ? -14.594 1.341   -34.365 1.00 17.96 ? 135 LEU B CA 1 
ATOM   310 C  CA . LYS B 1 136 ? -11.840 3.866   -33.582 1.00 18.33 ? 136 LYS B CA 1 
ATOM   311 C  CA . GLY B 1 137 ? -11.770 4.228   -29.788 1.00 14.60 ? 137 GLY B CA 1 
ATOM   312 C  CA . SER B 1 138 ? -13.828 1.108   -29.133 1.00 13.31 ? 138 SER B CA 1 
ATOM   313 C  CA . SER B 1 139 ? -10.945 -1.284  -28.394 1.00 13.00 ? 139 SER B CA 1 
ATOM   314 C  CA . GLY B 1 140 ? -11.807 -2.923  -25.120 1.00 9.93  ? 140 GLY B CA 1 
ATOM   315 C  CA . GLY B 1 141 ? -15.520 -2.883  -25.981 1.00 12.82 ? 141 GLY B CA 1 
ATOM   316 C  CA . PRO B 1 142 ? -17.427 -6.135  -25.325 1.00 11.07 ? 142 PRO B CA 1 
ATOM   317 C  CA . LEU B 1 143 ? -18.504 -8.804  -27.750 1.00 9.37  ? 143 LEU B CA 1 
ATOM   318 C  CA . LEU B 1 144 ? -21.562 -10.446 -26.243 1.00 11.52 ? 144 LEU B CA 1 
ATOM   319 C  CA . CYS B 1 145 ? -23.750 -13.409 -26.996 1.00 13.19 ? 145 CYS B CA 1 
ATOM   320 C  CA . PRO B 1 146 ? -27.522 -13.178 -27.685 1.00 17.80 ? 146 PRO B CA 1 
ATOM   321 C  CA . SER B 1 147 ? -28.431 -13.382 -23.952 1.00 17.74 ? 147 SER B CA 1 
ATOM   322 C  CA . GLY B 1 148 ? -26.227 -10.427 -23.050 1.00 19.67 ? 148 GLY B CA 1 
ATOM   323 C  CA . HIS B 1 149 ? -23.216 -12.363 -21.737 1.00 16.91 ? 149 HIS B CA 1 
ATOM   324 C  CA . ALA B 1 150 ? -19.625 -11.458 -22.473 1.00 13.20 ? 150 ALA B CA 1 
ATOM   325 C  CA . VAL B 1 151 ? -17.770 -13.553 -25.012 1.00 10.82 ? 151 VAL B CA 1 
ATOM   326 C  CA . GLY B 1 152 ? -14.731 -11.402 -25.755 1.00 8.46  ? 152 GLY B CA 1 
ATOM   327 C  CA . ILE B 1 153 ? -12.949 -8.027  -25.644 1.00 9.63  ? 153 ILE B CA 1 
ATOM   328 C  CA . PHE B 1 154 ? -12.616 -6.256  -28.985 1.00 9.61  ? 154 PHE B CA 1 
ATOM   329 C  CA . ARG B 1 155 ? -9.011  -5.869  -30.043 1.00 11.19 ? 155 ARG B CA 1 
ATOM   330 C  CA . ALA B 1 156 ? -8.635  -4.881  -33.643 1.00 10.11 ? 156 ALA B CA 1 
ATOM   331 C  CA . ALA B 1 157 ? -10.371 -4.756  -36.977 1.00 8.40  ? 157 ALA B CA 1 
ATOM   332 C  CA . VAL B 1 158 ? -9.260  -6.714  -40.023 1.00 9.06  ? 158 VAL B CA 1 
ATOM   333 C  CA . CYS B 1 159 ? -9.760  -4.579  -43.073 1.00 11.10 ? 159 CYS B CA 1 
ATOM   334 C  CA . THR B 1 160 ? -10.354 -5.136  -46.710 1.00 14.87 ? 160 THR B CA 1 
ATOM   335 C  CA . ARG B 1 161 ? -10.856 -2.380  -49.292 1.00 14.11 ? 161 ARG B CA 1 
ATOM   336 C  CA . GLY B 1 162 ? -10.391 0.286   -46.664 1.00 10.83 ? 162 GLY B CA 1 
ATOM   337 C  CA . VAL B 1 163 ? -13.406 -0.878  -44.689 1.00 11.69 ? 163 VAL B CA 1 
ATOM   338 C  CA . ALA B 1 164 ? -13.454 -3.152  -41.639 1.00 7.81  ? 164 ALA B CA 1 
ATOM   339 C  CA . LYS B 1 165 ? -14.622 -6.674  -42.426 1.00 9.36  ? 165 LYS B CA 1 
ATOM   340 C  CA . ALA B 1 166 ? -13.634 -8.958  -39.507 1.00 10.43 ? 166 ALA B CA 1 
ATOM   341 C  CA . VAL B 1 167 ? -12.780 -8.377  -35.881 1.00 9.20  ? 167 VAL B CA 1 
ATOM   342 C  CA . ASP B 1 168 ? -9.909  -9.849  -33.800 1.00 9.40  ? 168 ASP B CA 1 
ATOM   343 C  CA . PHE B 1 169 ? -10.733 -10.247 -30.118 1.00 12.05 ? 169 PHE B CA 1 
ATOM   344 C  CA . VAL B 1 170 ? -9.569  -11.686 -26.780 1.00 10.09 ? 170 VAL B CA 1 
ATOM   345 C  CA . PRO B 1 171 ? -11.901 -14.472 -25.585 1.00 10.15 ? 171 PRO B CA 1 
ATOM   346 C  CA . VAL B 1 172 ? -13.333 -13.920 -22.084 1.00 16.51 ? 172 VAL B CA 1 
ATOM   347 C  CA . GLU B 1 173 ? -11.956 -17.363 -21.179 1.00 22.90 ? 173 GLU B CA 1 
ATOM   348 C  CA . SER B 1 174 ? -8.584  -15.571 -21.083 1.00 23.43 ? 174 SER B CA 1 
ATOM   349 C  CA . MET B 1 175 ? -9.580  -13.556 -18.032 1.00 21.45 ? 175 MET B CA 1 
ATOM   350 C  CA . GLU B 1 176 ? -9.303  -16.610 -15.731 1.00 26.22 ? 176 GLU B CA 1 
ATOM   351 C  CA . THR B 1 177 ? -5.743  -17.751 -14.941 1.00 31.57 ? 177 THR B CA 1 
ATOM   352 C  CA . THR B 1 178 ? -5.730  -21.369 -13.684 1.00 37.60 ? 178 THR B CA 1 
ATOM   353 C  CA . MET B 1 179 ? -2.571  -22.661 -11.977 1.00 38.46 ? 179 MET B CA 1 
ATOM   354 C  CA . PRO C 1 2   ? 18.333  -1.444  44.744  1.00 19.03 ? 2   PRO C CA 1 
ATOM   355 C  CA . ILE C 1 3   ? 16.452  -4.018  42.664  1.00 18.81 ? 3   ILE C CA 1 
ATOM   356 C  CA . THR C 1 4   ? 15.478  -4.212  38.972  1.00 15.54 ? 4   THR C CA 1 
ATOM   357 C  CA . ALA C 1 5   ? 12.649  -6.150  37.423  1.00 15.57 ? 5   ALA C CA 1 
ATOM   358 C  CA . TYR C 1 6   ? 12.478  -7.342  33.842  1.00 16.14 ? 6   TYR C CA 1 
ATOM   359 C  CA . SER C 1 7   ? 10.080  -8.785  31.248  1.00 19.23 ? 7   SER C CA 1 
ATOM   360 C  CA . GLN C 1 8   ? 10.333  -9.075  27.454  1.00 21.49 ? 8   GLN C CA 1 
ATOM   361 C  CA . GLN C 1 9   ? 8.657   -6.758  25.006  1.00 28.27 ? 9   GLN C CA 1 
ATOM   362 C  CA . THR C 1 10  ? 6.418   -8.112  22.287  1.00 31.12 ? 10  THR C CA 1 
ATOM   363 C  CA . ARG C 1 11  ? 4.350   -5.036  21.411  1.00 23.44 ? 11  ARG C CA 1 
ATOM   364 C  CA . GLY C 1 12  ? 4.775   -2.235  18.910  1.00 18.85 ? 12  GLY C CA 1 
ATOM   365 C  CA . LEU C 1 13  ? 6.380   -4.206  16.055  1.00 19.33 ? 13  LEU C CA 1 
ATOM   366 C  CA . LEU C 1 14  ? 4.969   -6.663  13.545  1.00 15.55 ? 14  LEU C CA 1 
ATOM   367 C  CA . GLY C 1 15  ? 7.475   -8.709  11.630  1.00 14.93 ? 15  GLY C CA 1 
ATOM   368 C  CA . CYS C 1 16  ? 10.833  -7.286  10.553  1.00 15.83 ? 16  CYS C CA 1 
ATOM   369 C  CA . ILE C 1 17  ? 11.824  -3.702  9.857   1.00 14.94 ? 17  ILE C CA 1 
ATOM   370 C  CA . ILE C 1 18  ? 14.566  -3.250  7.275   1.00 12.72 ? 18  ILE C CA 1 
ATOM   371 C  CA . THR C 1 19  ? 16.964  -0.345  7.415   1.00 18.83 ? 19  THR C CA 1 
ATOM   372 C  CA . SER C 1 20  ? 19.817  0.682   5.189   1.00 22.45 ? 20  SER C CA 1 
ATOM   373 C  CA . LEU C 1 21  ? 22.873  2.306   6.744   1.00 23.08 ? 21  LEU C CA 1 
ATOM   374 C  CA . THR C 1 22  ? 23.844  4.160   3.614   1.00 25.50 ? 22  THR C CA 1 
ATOM   375 C  CA . GLY C 1 23  ? 23.135  7.310   1.672   1.00 29.03 ? 23  GLY C CA 1 
ATOM   376 C  CA . ARG C 1 24  ? 20.133  9.450   2.593   1.00 30.22 ? 24  ARG C CA 1 
ATOM   377 C  CA . ASP C 1 25  ? 17.904  8.313   5.408   1.00 30.33 ? 25  ASP C CA 1 
ATOM   378 C  CA . LYS C 1 26  ? 14.737  7.617   3.431   1.00 29.99 ? 26  LYS C CA 1 
ATOM   379 C  CA . ASN C 1 27  ? 11.904  5.355   4.512   1.00 28.99 ? 27  ASN C CA 1 
ATOM   380 C  CA . GLN C 1 28  ? 12.639  5.573   8.250   1.00 25.94 ? 28  GLN C CA 1 
ATOM   381 C  CA . VAL C 1 29  ? 9.782   5.460   10.823  1.00 22.68 ? 29  VAL C CA 1 
ATOM   382 C  CA . GLU C 1 30  ? 8.049   8.820   10.957  1.00 21.13 ? 30  GLU C CA 1 
ATOM   383 C  CA . GLY C 1 31  ? 7.016   9.018   14.608  1.00 17.63 ? 31  GLY C CA 1 
ATOM   384 C  CA . GLU C 1 32  ? 3.887   10.614  16.072  1.00 15.32 ? 32  GLU C CA 1 
ATOM   385 C  CA . VAL C 1 33  ? 5.813   13.368  17.842  1.00 13.30 ? 33  VAL C CA 1 
ATOM   386 C  CA . GLN C 1 34  ? 8.612   15.308  16.128  1.00 13.66 ? 34  GLN C CA 1 
ATOM   387 C  CA . VAL C 1 35  ? 10.761  18.415  16.697  1.00 18.22 ? 35  VAL C CA 1 
ATOM   388 C  CA . VAL C 1 36  ? 9.802   21.841  15.213  1.00 20.62 ? 36  VAL C CA 1 
ATOM   389 C  CA . SER C 1 37  ? 11.525  25.250  15.724  1.00 26.40 ? 37  SER C CA 1 
ATOM   390 C  CA . THR C 1 38  ? 11.350  28.997  15.102  1.00 31.60 ? 38  THR C CA 1 
ATOM   391 C  CA . ALA C 1 39  ? 14.882  30.451  15.384  1.00 38.30 ? 39  ALA C CA 1 
ATOM   392 C  CA . THR C 1 40  ? 14.258  31.295  19.076  1.00 38.19 ? 40  THR C CA 1 
ATOM   393 C  CA . GLN C 1 41  ? 13.103  28.153  20.972  1.00 32.22 ? 41  GLN C CA 1 
ATOM   394 C  CA . SER C 1 42  ? 12.534  24.605  19.707  1.00 25.76 ? 42  SER C CA 1 
ATOM   395 C  CA . PHE C 1 43  ? 9.710   22.283  20.640  1.00 22.93 ? 43  PHE C CA 1 
ATOM   396 C  CA . LEU C 1 44  ? 7.478   19.500  19.464  1.00 18.75 ? 44  LEU C CA 1 
ATOM   397 C  CA . ALA C 1 45  ? 4.599   18.859  17.039  1.00 15.67 ? 45  ALA C CA 1 
ATOM   398 C  CA . THR C 1 46  ? 2.197   15.959  17.444  1.00 12.59 ? 46  THR C CA 1 
ATOM   399 C  CA . CYS C 1 47  ? 0.390   14.287  14.560  1.00 12.75 ? 47  CYS C CA 1 
ATOM   400 C  CA . VAL C 1 48  ? -3.262  13.613  15.487  1.00 10.68 ? 48  VAL C CA 1 
ATOM   401 C  CA . ASN C 1 49  ? -5.674  12.167  12.982  1.00 20.53 ? 49  ASN C CA 1 
ATOM   402 C  CA . GLY C 1 50  ? -3.490  13.099  9.982   1.00 18.64 ? 50  GLY C CA 1 
ATOM   403 C  CA . VAL C 1 51  ? -2.530  16.629  11.005  1.00 19.72 ? 51  VAL C CA 1 
ATOM   404 C  CA . CYS C 1 52  ? 0.593   17.739  12.818  1.00 18.57 ? 52  CYS C CA 1 
ATOM   405 C  CA . TRP C 1 53  ? -0.255  20.231  15.560  1.00 16.68 ? 53  TRP C CA 1 
ATOM   406 C  CA . THR C 1 54  ? 1.993   22.579  17.521  1.00 18.44 ? 54  THR C CA 1 
ATOM   407 C  CA . VAL C 1 55  ? 1.374   25.532  19.792  1.00 22.30 ? 55  VAL C CA 1 
ATOM   408 C  CA . TYR C 1 56  ? 0.227   28.800  18.255  1.00 34.63 ? 56  TYR C CA 1 
ATOM   409 C  CA . HIS C 1 57  ? 2.305   30.687  20.823  1.00 42.09 ? 57  HIS C CA 1 
ATOM   410 C  CA . GLY C 1 58  ? 5.878   30.743  19.581  1.00 46.26 ? 58  GLY C CA 1 
ATOM   411 C  CA . ALA C 1 59  ? 4.974   28.555  16.585  1.00 43.31 ? 59  ALA C CA 1 
ATOM   412 C  CA . GLY C 1 60  ? 4.879   30.418  13.285  1.00 43.25 ? 60  GLY C CA 1 
ATOM   413 C  CA . SER C 1 61  ? 6.227   33.341  15.305  1.00 45.30 ? 61  SER C CA 1 
ATOM   414 C  CA . LYS C 1 62  ? 9.513   32.976  13.494  1.00 42.23 ? 62  LYS C CA 1 
ATOM   415 C  CA . THR C 1 63  ? 9.131   30.596  10.572  1.00 40.30 ? 63  THR C CA 1 
ATOM   416 C  CA . LEU C 1 64  ? 8.225   27.205  11.953  1.00 34.39 ? 64  LEU C CA 1 
ATOM   417 C  CA . ALA C 1 65  ? 10.942  24.955  10.554  1.00 33.59 ? 65  ALA C CA 1 
ATOM   418 C  CA . GLY C 1 66  ? 11.085  21.188  10.539  1.00 34.09 ? 66  GLY C CA 1 
ATOM   419 C  CA . PRO C 1 67  ? 13.560  18.361  9.705   1.00 35.09 ? 67  PRO C CA 1 
ATOM   420 C  CA . LYS C 1 68  ? 13.335  19.183  6.026   1.00 35.78 ? 68  LYS C CA 1 
ATOM   421 C  CA . GLY C 1 69  ? 13.137  22.970  5.994   1.00 32.64 ? 69  GLY C CA 1 
ATOM   422 C  CA . PRO C 1 70  ? 10.217  25.310  6.892   1.00 30.24 ? 70  PRO C CA 1 
ATOM   423 C  CA . ILE C 1 71  ? 6.540   24.652  7.418   1.00 31.33 ? 71  ILE C CA 1 
ATOM   424 C  CA . THR C 1 72  ? 3.358   25.902  5.789   1.00 38.00 ? 72  THR C CA 1 
ATOM   425 C  CA . GLN C 1 73  ? 0.950   25.802  8.736   1.00 34.10 ? 73  GLN C CA 1 
ATOM   426 C  CA . MET C 1 74  ? -2.211  25.504  6.760   1.00 34.09 ? 74  MET C CA 1 
ATOM   427 C  CA . TYR C 1 75  ? -4.158  25.765  10.016  1.00 31.32 ? 75  TYR C CA 1 
ATOM   428 C  CA . THR C 1 76  ? -4.681  27.941  13.026  1.00 34.15 ? 76  THR C CA 1 
ATOM   429 C  CA . ASN C 1 77  ? -6.983  26.839  15.807  1.00 38.54 ? 77  ASN C CA 1 
ATOM   430 C  CA . VAL C 1 78  ? -10.543 28.222  15.721  1.00 36.65 ? 78  VAL C CA 1 
ATOM   431 C  CA . ASP C 1 79  ? -9.374  29.631  19.052  1.00 36.49 ? 79  ASP C CA 1 
ATOM   432 C  CA . GLN C 1 80  ? -5.893  30.112  17.485  1.00 30.69 ? 80  GLN C CA 1 
ATOM   433 C  CA . ASP C 1 81  ? -4.316  28.376  20.450  1.00 27.57 ? 81  ASP C CA 1 
ATOM   434 C  CA . LEU C 1 82  ? -2.866  25.702  18.210  1.00 24.16 ? 82  LEU C CA 1 
ATOM   435 C  CA . VAL C 1 83  ? -1.360  26.032  14.680  1.00 20.17 ? 83  VAL C CA 1 
ATOM   436 C  CA . GLY C 1 84  ? -1.352  23.055  12.319  1.00 17.58 ? 84  GLY C CA 1 
ATOM   437 C  CA . TRP C 1 85  ? -0.578  21.618  8.872   1.00 19.62 ? 85  TRP C CA 1 
ATOM   438 C  CA . GLN C 1 86  ? -1.028  18.354  6.903   1.00 24.35 ? 86  GLN C CA 1 
ATOM   439 C  CA . ALA C 1 87  ? 1.162   15.365  7.862   1.00 25.56 ? 87  ALA C CA 1 
ATOM   440 C  CA . PRO C 1 88  ? 3.706   13.864  5.462   1.00 28.71 ? 88  PRO C CA 1 
ATOM   441 C  CA . PRO C 1 89  ? 2.660   10.599  3.831   1.00 30.55 ? 89  PRO C CA 1 
ATOM   442 C  CA . GLY C 1 90  ? 3.430   7.865   6.335   1.00 26.87 ? 90  GLY C CA 1 
ATOM   443 C  CA . ALA C 1 91  ? 3.383   10.041  9.427   1.00 20.20 ? 91  ALA C CA 1 
ATOM   444 C  CA . ARG C 1 92  ? 2.325   7.752   12.238  1.00 15.39 ? 92  ARG C CA 1 
ATOM   445 C  CA . SER C 1 93  ? -0.565  9.469   13.996  1.00 16.38 ? 93  SER C CA 1 
ATOM   446 C  CA . LEU C 1 94  ? -2.598  9.225   17.131  1.00 14.67 ? 94  LEU C CA 1 
ATOM   447 C  CA . THR C 1 95  ? -6.363  9.199   17.287  1.00 16.93 ? 95  THR C CA 1 
ATOM   448 C  CA . PRO C 1 96  ? -8.462  11.166  19.852  1.00 15.85 ? 96  PRO C CA 1 
ATOM   449 C  CA . CYS C 1 97  ? -9.313  9.659   23.108  1.00 23.57 ? 97  CYS C CA 1 
ATOM   450 C  CA . THR C 1 98  ? -12.875 8.356   23.196  1.00 30.85 ? 98  THR C CA 1 
ATOM   451 C  CA . CYS C 1 99  ? -13.167 7.507   26.929  1.00 29.22 ? 99  CYS C CA 1 
ATOM   452 C  CA . GLY C 1 100 ? -13.363 10.011  29.739  1.00 26.30 ? 100 GLY C CA 1 
ATOM   453 C  CA . SER C 1 101 ? -10.069 8.848   31.242  1.00 19.25 ? 101 SER C CA 1 
ATOM   454 C  CA . SER C 1 102 ? -8.599  11.360  33.654  1.00 13.58 ? 102 SER C CA 1 
ATOM   455 C  CA . ASP C 1 103 ? -5.216  9.589   33.831  1.00 13.89 ? 103 ASP C CA 1 
ATOM   456 C  CA . LEU C 1 104 ? -3.025  11.158  31.134  1.00 11.08 ? 104 LEU C CA 1 
ATOM   457 C  CA . TYR C 1 105 ? 0.570   10.548  30.112  1.00 9.07  ? 105 TYR C CA 1 
ATOM   458 C  CA . LEU C 1 106 ? 2.635   13.456  28.763  1.00 10.30 ? 106 LEU C CA 1 
ATOM   459 C  CA . VAL C 1 107 ? 5.296   12.629  26.256  1.00 11.34 ? 107 VAL C CA 1 
ATOM   460 C  CA . THR C 1 108 ? 8.373   14.735  26.478  1.00 15.73 ? 108 THR C CA 1 
ATOM   461 C  CA . ARG C 1 109 ? 10.930  15.685  23.803  1.00 17.09 ? 109 ARG C CA 1 
ATOM   462 C  CA . HIS C 1 110 ? 13.136  13.110  25.498  1.00 15.97 ? 110 HIS C CA 1 
ATOM   463 C  CA . ALA C 1 111 ? 10.654  10.257  25.173  1.00 13.18 ? 111 ALA C CA 1 
ATOM   464 C  CA . ASP C 1 112 ? 9.732   10.332  28.836  1.00 15.17 ? 112 ASP C CA 1 
ATOM   465 C  CA . VAL C 1 113 ? 6.165   9.589   29.811  1.00 12.52 ? 113 VAL C CA 1 
ATOM   466 C  CA . ILE C 1 114 ? 5.126   11.864  32.652  1.00 12.02 ? 114 ILE C CA 1 
ATOM   467 C  CA . PRO C 1 115 ? 1.928   10.759  34.456  1.00 10.40 ? 115 PRO C CA 1 
ATOM   468 C  CA . VAL C 1 116 ? -0.700  13.535  34.695  1.00 11.34 ? 116 VAL C CA 1 
ATOM   469 C  CA . ARG C 1 117 ? -4.105  13.575  36.378  1.00 10.61 ? 117 ARG C CA 1 
ATOM   470 C  CA . ARG C 1 118 ? -6.583  15.726  34.405  1.00 9.79  ? 118 ARG C CA 1 
ATOM   471 C  CA . ARG C 1 119 ? -8.107  18.300  36.756  1.00 11.67 ? 119 ARG C CA 1 
ATOM   472 C  CA . GLY C 1 120 ? -10.009 20.120  34.031  1.00 14.96 ? 120 GLY C CA 1 
ATOM   473 C  CA . ASP C 1 121 ? -10.721 20.532  30.345  1.00 18.36 ? 121 ASP C CA 1 
ATOM   474 C  CA . SER C 1 122 ? -7.227  21.923  29.904  1.00 19.01 ? 122 SER C CA 1 
ATOM   475 C  CA . ARG C 1 123 ? -5.530  21.343  33.258  1.00 13.82 ? 123 ARG C CA 1 
ATOM   476 C  CA . GLY C 1 124 ? -3.795  18.405  34.875  1.00 12.02 ? 124 GLY C CA 1 
ATOM   477 C  CA . SER C 1 125 ? -1.634  18.072  37.949  1.00 8.45  ? 125 SER C CA 1 
ATOM   478 C  CA . LEU C 1 126 ? 1.715   16.328  37.714  1.00 8.98  ? 126 LEU C CA 1 
ATOM   479 C  CA . LEU C 1 127 ? 1.631   13.263  40.003  1.00 13.22 ? 127 LEU C CA 1 
ATOM   480 C  CA . SER C 1 128 ? 5.274   14.050  40.814  1.00 13.41 ? 128 SER C CA 1 
ATOM   481 C  CA . PRO C 1 129 ? 6.705   17.565  40.183  1.00 7.45  ? 129 PRO C CA 1 
ATOM   482 C  CA . ARG C 1 130 ? 9.226   17.998  37.323  1.00 10.27 ? 130 ARG C CA 1 
ATOM   483 C  CA . PRO C 1 131 ? 12.051  20.497  36.841  1.00 10.88 ? 131 PRO C CA 1 
ATOM   484 C  CA . VAL C 1 132 ? 11.194  23.264  34.402  1.00 16.11 ? 132 VAL C CA 1 
ATOM   485 C  CA . SER C 1 133 ? 14.448  22.532  32.562  1.00 18.48 ? 133 SER C CA 1 
ATOM   486 C  CA . TYR C 1 134 ? 13.118  18.986  32.214  1.00 19.30 ? 134 TYR C CA 1 
ATOM   487 C  CA . LEU C 1 135 ? 9.870   20.089  30.552  1.00 16.21 ? 135 LEU C CA 1 
ATOM   488 C  CA . LYS C 1 136 ? 11.582  22.753  28.405  1.00 18.70 ? 136 LYS C CA 1 
ATOM   489 C  CA . GLY C 1 137 ? 11.303  22.177  24.689  1.00 15.19 ? 137 GLY C CA 1 
ATOM   490 C  CA . SER C 1 138 ? 8.337   19.824  25.181  1.00 14.95 ? 138 SER C CA 1 
ATOM   491 C  CA . SER C 1 139 ? 5.391   22.163  24.514  1.00 12.84 ? 139 SER C CA 1 
ATOM   492 C  CA . GLY C 1 140 ? 3.348   20.908  21.600  1.00 9.25  ? 140 GLY C CA 1 
ATOM   493 C  CA . GLY C 1 141 ? 3.901   17.342  22.888  1.00 10.88 ? 141 GLY C CA 1 
ATOM   494 C  CA . PRO C 1 142 ? 0.861   15.213  23.606  1.00 11.00 ? 142 PRO C CA 1 
ATOM   495 C  CA . LEU C 1 143 ? -1.048  13.967  26.613  1.00 9.12  ? 143 LEU C CA 1 
ATOM   496 C  CA . LEU C 1 144 ? -2.401  10.484  26.005  1.00 12.12 ? 144 LEU C CA 1 
ATOM   497 C  CA . CYS C 1 145 ? -4.960  8.410   27.957  1.00 12.16 ? 145 CYS C CA 1 
ATOM   498 C  CA . PRO C 1 146 ? -4.089  4.862   29.201  1.00 11.23 ? 146 PRO C CA 1 
ATOM   499 C  CA . SER C 1 147 ? -4.911  3.419   25.815  1.00 14.20 ? 147 SER C CA 1 
ATOM   500 C  CA . GLY C 1 148 ? -2.520  5.827   24.070  1.00 14.10 ? 148 GLY C CA 1 
ATOM   501 C  CA . HIS C 1 149 ? -5.077  8.051   22.367  1.00 16.21 ? 149 HIS C CA 1 
ATOM   502 C  CA . ALA C 1 150 ? -4.625  11.822  22.079  1.00 13.81 ? 150 ALA C CA 1 
ATOM   503 C  CA . VAL C 1 151 ? -6.247  13.944  24.823  1.00 11.37 ? 151 VAL C CA 1 
ATOM   504 C  CA . GLY C 1 152 ? -4.520  17.317  24.578  1.00 10.42 ? 152 GLY C CA 1 
ATOM   505 C  CA . ILE C 1 153 ? -1.337  19.098  23.492  1.00 15.13 ? 153 ILE C CA 1 
ATOM   506 C  CA . PHE C 1 154 ? 1.058   20.485  26.150  1.00 14.06 ? 154 PHE C CA 1 
ATOM   507 C  CA . ARG C 1 155 ? 0.743   24.347  26.168  1.00 17.00 ? 155 ARG C CA 1 
ATOM   508 C  CA . ALA C 1 156 ? 2.732   25.357  29.299  1.00 16.84 ? 156 ALA C CA 1 
ATOM   509 C  CA . ALA C 1 157 ? 3.627   24.459  32.900  1.00 15.67 ? 157 ALA C CA 1 
ATOM   510 C  CA . VAL C 1 158 ? 2.360   25.784  36.186  1.00 14.60 ? 158 VAL C CA 1 
ATOM   511 C  CA . CYS C 1 159 ? 4.983   26.112  38.953  1.00 13.97 ? 159 CYS C CA 1 
ATOM   512 C  CA . THR C 1 160 ? 5.178   26.507  42.724  1.00 14.38 ? 160 THR C CA 1 
ATOM   513 C  CA . ARG C 1 161 ? 8.549   26.889  44.515  1.00 16.47 ? 161 ARG C CA 1 
ATOM   514 C  CA . GLY C 1 162 ? 10.280  26.958  41.114  1.00 15.47 ? 162 GLY C CA 1 
ATOM   515 C  CA . VAL C 1 163 ? 9.161   23.421  40.514  1.00 10.84 ? 163 VAL C CA 1 
ATOM   516 C  CA . ALA C 1 164 ? 6.658   22.464  37.792  1.00 6.89  ? 164 ALA C CA 1 
ATOM   517 C  CA . LYS C 1 165 ? 3.543   21.309  39.521  1.00 8.00  ? 165 LYS C CA 1 
ATOM   518 C  CA . ALA C 1 166 ? 0.740   21.341  37.002  1.00 5.76  ? 166 ALA C CA 1 
ATOM   519 C  CA . VAL C 1 167 ? 0.253   21.535  33.278  1.00 11.46 ? 167 VAL C CA 1 
ATOM   520 C  CA . ASP C 1 168 ? -1.910  23.418  30.789  1.00 12.06 ? 168 ASP C CA 1 
ATOM   521 C  CA . PHE C 1 169 ? -3.065  21.863  27.529  1.00 14.03 ? 169 PHE C CA 1 
ATOM   522 C  CA . VAL C 1 170 ? -5.243  22.370  24.449  1.00 16.95 ? 170 VAL C CA 1 
ATOM   523 C  CA . PRO C 1 171 ? -8.011  19.674  24.402  1.00 18.83 ? 171 PRO C CA 1 
ATOM   524 C  CA . VAL C 1 172 ? -8.193  17.567  21.237  1.00 18.03 ? 172 VAL C CA 1 
ATOM   525 C  CA . GLU C 1 173 ? -11.607 19.102  20.508  1.00 21.19 ? 173 GLU C CA 1 
ATOM   526 C  CA . SER C 1 174 ? -9.734  22.265  19.616  1.00 24.70 ? 174 SER C CA 1 
ATOM   527 C  CA . MET C 1 175 ? -8.425  20.276  16.683  1.00 31.84 ? 175 MET C CA 1 
ATOM   528 C  CA . GLU C 1 176 ? -12.078 20.058  15.421  1.00 37.50 ? 176 GLU C CA 1 
ATOM   529 C  CA . THR C 1 177 ? -10.786 23.464  14.255  1.00 39.60 ? 177 THR C CA 1 
ATOM   530 C  CA . THR C 1 178 ? -10.432 23.704  10.512  1.00 40.68 ? 178 THR C CA 1 
ATOM   531 C  CA . MET C 1 179 ? -9.949  19.961  10.789  1.00 39.66 ? 179 MET C CA 1 
HETATM 532 ZN ZN . ZN  D 2 .   ? 19.316  -0.606  -6.020  1.00 27.34 ? 901 ZN  A ZN 1 
HETATM 533 ZN ZN . ZN  E 2 .   ? -24.265 -16.871 -23.969 1.00 27.17 ? 901 ZN  B ZN 1 
HETATM 534 ZN ZN . ZN  F 2 .   ? -8.888  7.228   25.840  1.00 29.54 ? 901 ZN  C ZN 1 
# 
